data_4YRK
#
_entry.id   4YRK
#
_cell.length_a   89.910
_cell.length_b   118.736
_cell.length_c   93.705
_cell.angle_alpha   90.000
_cell.angle_beta   91.450
_cell.angle_gamma   90.000
#
_symmetry.space_group_name_H-M   'C 1 2 1'
#
loop_
_entity.id
_entity.type
_entity.pdbx_description
1 polymer 'Histidyl-tRNA synthetase'
2 non-polymer HISTIDINE
3 non-polymer (4-chlorophenyl)methanol
4 non-polymer 1,2-ETHANEDIOL
5 non-polymer 'SULFATE ION'
6 non-polymer 'DIMETHYL SULFOXIDE'
7 water water
#
_entity_poly.entity_id   1
_entity_poly.type   'polypeptide(L)'
_entity_poly.pdbx_seq_one_letter_code
;MAHHHHHHMGTLEAQTQGPGSMQKNMVETEPVQGCRDFPPEAMRCRRHLFDVFHATAKTFGFEEYDAPVLESEELYIRKA
GEEITEQMFNFITKGGHRVALRPEMTPSLARLLLGKGRSLLLPAKWYSIPQCWRYEAITRGRRREHYQWNMDIVGVKSVS
AEVELVCAACWAMRSLGLSSKDVGIKVNSRKVLQTVVEQAGVTSDKFAPVCVIVDKMEKIPREEVEAQLAVLGLEPTVVD
AITTTLSLKSIDEIAQRVGEEHEAVKELRQFFEQVEAYGYGDWVLFDASVVRGLAYYTGIVFEGFDREGKFRALCGGGRY
DNLLTTYGSPTPIPCAGFGFGDCVIVELLQEKRLLPDIPHVVDDVVIPFDESMRPHALAVLRRLRDAGRSADIILDKKKV
VQAFNYADRVGAVRAVLVAPEEWERGEVQVKMLREGTGKEEGGAERGFAVPLDRLV
;
_entity_poly.pdbx_strand_id   A,B
#
# COMPACT_ATOMS: atom_id res chain seq x y z
N MET A 26 -46.11 -16.16 54.84
CA MET A 26 -45.43 -16.14 53.51
C MET A 26 -43.92 -15.94 53.65
N VAL A 27 -43.14 -16.78 52.96
CA VAL A 27 -41.66 -16.65 53.00
C VAL A 27 -41.24 -15.34 52.34
N GLU A 28 -40.00 -14.94 52.59
CA GLU A 28 -39.47 -13.74 51.95
C GLU A 28 -39.22 -14.04 50.48
N THR A 29 -39.86 -13.27 49.60
CA THR A 29 -39.73 -13.49 48.18
C THR A 29 -38.55 -12.73 47.59
N GLU A 30 -38.07 -11.70 48.29
CA GLU A 30 -36.89 -10.97 47.84
C GLU A 30 -35.64 -11.80 48.09
N PRO A 31 -34.64 -11.67 47.20
CA PRO A 31 -33.39 -12.35 47.45
C PRO A 31 -32.64 -11.77 48.65
N VAL A 32 -31.61 -12.46 49.08
CA VAL A 32 -30.74 -11.97 50.11
C VAL A 32 -30.19 -10.60 49.69
N GLN A 33 -30.01 -9.74 50.68
CA GLN A 33 -29.50 -8.37 50.52
C GLN A 33 -28.33 -8.26 49.55
N GLY A 34 -28.49 -7.40 48.54
CA GLY A 34 -27.44 -7.15 47.57
C GLY A 34 -27.23 -8.21 46.49
N CYS A 35 -28.15 -9.18 46.39
CA CYS A 35 -28.03 -10.24 45.39
C CYS A 35 -29.22 -10.23 44.44
N ARG A 36 -28.99 -10.64 43.21
CA ARG A 36 -30.00 -10.58 42.17
C ARG A 36 -30.61 -11.95 41.82
N ASP A 37 -31.92 -11.91 41.60
CA ASP A 37 -32.63 -13.01 40.96
C ASP A 37 -32.55 -12.83 39.45
N PHE A 38 -32.52 -13.95 38.72
CA PHE A 38 -32.65 -13.92 37.26
C PHE A 38 -33.80 -14.80 36.80
N PRO A 39 -35.04 -14.31 36.93
CA PRO A 39 -36.11 -15.01 36.25
C PRO A 39 -35.86 -14.96 34.74
N PRO A 40 -36.60 -15.74 33.97
CA PRO A 40 -36.24 -15.93 32.55
C PRO A 40 -36.02 -14.64 31.76
N GLU A 41 -36.89 -13.64 31.94
CA GLU A 41 -36.72 -12.38 31.25
C GLU A 41 -35.31 -11.79 31.52
N ALA A 42 -34.93 -11.71 32.79
CA ALA A 42 -33.64 -11.18 33.15
C ALA A 42 -32.51 -12.12 32.71
N MET A 43 -32.76 -13.44 32.77
CA MET A 43 -31.74 -14.41 32.33
C MET A 43 -31.43 -14.30 30.84
N ARG A 44 -32.42 -13.99 30.02
CA ARG A 44 -32.18 -13.84 28.58
C ARG A 44 -31.17 -12.72 28.33
N CYS A 45 -31.26 -11.66 29.12
CA CYS A 45 -30.35 -10.53 29.01
CA CYS A 45 -30.35 -10.52 28.99
C CYS A 45 -28.93 -10.92 29.42
N ARG A 46 -28.82 -11.56 30.57
CA ARG A 46 -27.52 -12.07 31.04
C ARG A 46 -26.89 -13.01 30.02
N ARG A 47 -27.70 -13.90 29.48
CA ARG A 47 -27.27 -14.88 28.48
C ARG A 47 -26.78 -14.22 27.17
N HIS A 48 -27.49 -13.19 26.73
CA HIS A 48 -27.05 -12.39 25.61
C HIS A 48 -25.62 -11.86 25.83
N LEU A 49 -25.37 -11.38 27.03
CA LEU A 49 -24.05 -10.85 27.37
C LEU A 49 -23.02 -11.99 27.43
N PHE A 50 -23.37 -13.05 28.14
CA PHE A 50 -22.44 -14.16 28.33
C PHE A 50 -22.13 -14.86 27.00
N ASP A 51 -23.10 -14.95 26.10
CA ASP A 51 -22.82 -15.49 24.77
C ASP A 51 -21.70 -14.72 24.11
N VAL A 52 -21.73 -13.40 24.25
CA VAL A 52 -20.67 -12.56 23.68
C VAL A 52 -19.32 -12.79 24.36
N PHE A 53 -19.30 -12.91 25.69
CA PHE A 53 -18.06 -13.21 26.39
C PHE A 53 -17.46 -14.52 25.87
N HIS A 54 -18.29 -15.56 25.83
CA HIS A 54 -17.85 -16.87 25.38
C HIS A 54 -17.40 -16.84 23.94
N ALA A 55 -18.18 -16.19 23.10
CA ALA A 55 -17.89 -16.16 21.67
C ALA A 55 -16.63 -15.36 21.40
N THR A 56 -16.42 -14.29 22.15
CA THR A 56 -15.21 -13.49 22.04
C THR A 56 -14.00 -14.31 22.48
N ALA A 57 -14.14 -15.02 23.58
CA ALA A 57 -13.07 -15.88 24.06
C ALA A 57 -12.71 -16.93 23.00
N LYS A 58 -13.73 -17.57 22.45
CA LYS A 58 -13.51 -18.57 21.40
C LYS A 58 -12.85 -17.97 20.16
N THR A 59 -13.33 -16.80 19.76
CA THR A 59 -12.74 -16.08 18.64
C THR A 59 -11.25 -15.78 18.89
N PHE A 60 -10.89 -15.50 20.14
CA PHE A 60 -9.51 -15.14 20.47
C PHE A 60 -8.66 -16.33 20.93
N GLY A 61 -9.26 -17.52 20.90
CA GLY A 61 -8.55 -18.74 21.24
C GLY A 61 -8.28 -18.97 22.72
N PHE A 62 -9.11 -18.42 23.58
CA PHE A 62 -8.93 -18.61 25.03
C PHE A 62 -9.64 -19.87 25.46
N GLU A 63 -9.13 -20.54 26.49
CA GLU A 63 -9.72 -21.76 27.02
C GLU A 63 -10.46 -21.46 28.31
N GLU A 64 -11.64 -22.05 28.46
CA GLU A 64 -12.42 -21.88 29.68
C GLU A 64 -11.85 -22.67 30.86
N TYR A 65 -11.97 -22.08 32.05
CA TYR A 65 -11.66 -22.76 33.31
C TYR A 65 -12.62 -22.28 34.38
N ASP A 66 -12.58 -22.90 35.55
CA ASP A 66 -13.39 -22.47 36.69
C ASP A 66 -12.75 -22.98 37.97
N ALA A 67 -13.14 -22.41 39.09
CA ALA A 67 -12.60 -22.80 40.40
C ALA A 67 -13.66 -22.49 41.45
N PRO A 68 -13.50 -23.02 42.67
CA PRO A 68 -14.61 -22.84 43.62
C PRO A 68 -14.79 -21.39 44.02
N VAL A 69 -16.04 -20.97 44.19
CA VAL A 69 -16.37 -19.64 44.65
C VAL A 69 -15.86 -19.41 46.08
N LEU A 70 -15.68 -20.50 46.81
CA LEU A 70 -15.16 -20.47 48.15
C LEU A 70 -13.65 -20.76 48.10
N GLU A 71 -12.86 -19.81 48.58
CA GLU A 71 -11.39 -19.94 48.64
C GLU A 71 -10.91 -19.64 50.05
N SER A 72 -9.68 -20.06 50.36
CA SER A 72 -9.05 -19.71 51.61
C SER A 72 -8.79 -18.21 51.68
N GLU A 73 -9.04 -17.63 52.86
CA GLU A 73 -8.85 -16.19 53.09
C GLU A 73 -7.41 -15.76 52.83
N GLU A 74 -6.45 -16.62 53.16
CA GLU A 74 -5.03 -16.34 52.99
C GLU A 74 -4.68 -15.93 51.57
N LEU A 75 -5.47 -16.40 50.61
CA LEU A 75 -5.25 -16.10 49.21
C LEU A 75 -5.31 -14.60 48.90
N TYR A 76 -6.08 -13.85 49.70
CA TYR A 76 -6.34 -12.42 49.43
C TYR A 76 -5.67 -11.44 50.41
N ILE A 77 -4.89 -11.94 51.34
CA ILE A 77 -4.24 -11.08 52.33
C ILE A 77 -2.99 -10.46 51.71
N ARG A 78 -3.17 -9.36 50.98
CA ARG A 78 -2.08 -8.70 50.28
C ARG A 78 -1.50 -7.45 50.98
N LYS A 79 -2.18 -6.97 52.03
CA LYS A 79 -1.64 -5.92 52.91
C LYS A 79 -1.25 -4.59 52.24
N ALA A 80 -1.99 -4.20 51.20
CA ALA A 80 -1.73 -2.94 50.50
C ALA A 80 -2.93 -1.97 50.60
N GLY A 81 -3.87 -2.26 51.50
CA GLY A 81 -5.05 -1.40 51.69
C GLY A 81 -5.97 -1.34 50.48
N GLU A 82 -5.99 -2.40 49.68
CA GLU A 82 -6.86 -2.45 48.50
C GLU A 82 -8.32 -2.50 48.90
N GLU A 83 -9.12 -1.70 48.19
CA GLU A 83 -10.57 -1.72 48.33
C GLU A 83 -11.11 -3.15 48.20
N ILE A 84 -10.56 -3.91 47.26
CA ILE A 84 -11.06 -5.25 46.98
C ILE A 84 -10.86 -6.23 48.15
N THR A 85 -9.78 -6.08 48.91
CA THR A 85 -9.51 -6.93 50.08
C THR A 85 -10.16 -6.37 51.35
N GLU A 86 -10.36 -5.05 51.38
CA GLU A 86 -11.11 -4.40 52.45
C GLU A 86 -12.58 -4.84 52.51
N GLN A 87 -13.16 -5.14 51.35
CA GLN A 87 -14.58 -5.43 51.25
C GLN A 87 -14.85 -6.91 50.96
N MET A 88 -14.05 -7.79 51.57
CA MET A 88 -14.19 -9.23 51.38
C MET A 88 -15.39 -9.79 52.13
N PHE A 89 -16.12 -10.68 51.45
CA PHE A 89 -17.22 -11.45 52.05
C PHE A 89 -16.57 -12.70 52.64
N ASN A 90 -16.11 -12.60 53.88
CA ASN A 90 -15.43 -13.73 54.52
C ASN A 90 -16.18 -14.25 55.73
N PHE A 91 -15.89 -15.49 56.10
CA PHE A 91 -16.48 -16.10 57.26
C PHE A 91 -15.65 -17.30 57.71
N ILE A 92 -16.02 -17.86 58.84
CA ILE A 92 -15.27 -18.93 59.49
C ILE A 92 -16.12 -20.21 59.48
N THR A 93 -15.52 -21.29 58.97
CA THR A 93 -16.22 -22.57 58.88
C THR A 93 -16.38 -23.18 60.27
N LYS A 94 -17.22 -24.20 60.39
CA LYS A 94 -17.40 -24.94 61.63
C LYS A 94 -16.06 -25.41 62.20
N GLY A 95 -15.21 -25.94 61.34
CA GLY A 95 -13.87 -26.42 61.72
C GLY A 95 -12.85 -25.34 62.00
N GLY A 96 -13.24 -24.07 61.85
CA GLY A 96 -12.41 -22.93 62.25
C GLY A 96 -11.46 -22.43 61.17
N HIS A 97 -11.78 -22.71 59.92
CA HIS A 97 -10.94 -22.29 58.79
C HIS A 97 -11.41 -20.96 58.21
N ARG A 98 -10.47 -20.06 57.99
CA ARG A 98 -10.76 -18.73 57.45
C ARG A 98 -10.97 -18.86 55.95
N VAL A 99 -12.20 -18.64 55.50
CA VAL A 99 -12.53 -18.72 54.08
C VAL A 99 -13.25 -17.47 53.60
N ALA A 100 -13.33 -17.31 52.29
CA ALA A 100 -14.05 -16.20 51.71
C ALA A 100 -14.72 -16.60 50.42
N LEU A 101 -15.85 -15.96 50.13
CA LEU A 101 -16.38 -15.96 48.79
C LEU A 101 -15.48 -15.02 48.02
N ARG A 102 -15.01 -15.47 46.87
CA ARG A 102 -13.97 -14.78 46.13
C ARG A 102 -14.37 -13.35 45.76
N PRO A 103 -13.53 -12.35 46.10
CA PRO A 103 -13.77 -10.99 45.63
C PRO A 103 -13.37 -10.76 44.19
N GLU A 104 -12.47 -11.62 43.69
CA GLU A 104 -11.98 -11.56 42.32
C GLU A 104 -11.48 -12.94 41.93
N MET A 105 -11.09 -13.13 40.68
CA MET A 105 -10.69 -14.44 40.17
C MET A 105 -9.19 -14.64 40.01
N THR A 106 -8.43 -13.55 39.93
CA THR A 106 -7.01 -13.63 39.57
C THR A 106 -6.20 -14.48 40.55
N PRO A 107 -6.45 -14.37 41.85
CA PRO A 107 -5.75 -15.25 42.81
C PRO A 107 -6.06 -16.76 42.63
N SER A 108 -7.31 -17.08 42.31
CA SER A 108 -7.68 -18.48 42.05
C SER A 108 -6.92 -18.99 40.82
N LEU A 109 -6.92 -18.21 39.75
CA LEU A 109 -6.15 -18.52 38.53
C LEU A 109 -4.70 -18.80 38.88
N ALA A 110 -4.11 -17.88 39.63
CA ALA A 110 -2.72 -18.01 40.03
C ALA A 110 -2.49 -19.29 40.81
N ARG A 111 -3.42 -19.62 41.71
CA ARG A 111 -3.38 -20.89 42.46
C ARG A 111 -3.35 -22.10 41.53
N LEU A 112 -4.25 -22.11 40.56
CA LEU A 112 -4.34 -23.18 39.58
C LEU A 112 -3.05 -23.29 38.75
N LEU A 113 -2.55 -22.17 38.25
CA LEU A 113 -1.32 -22.16 37.45
C LEU A 113 -0.17 -22.71 38.26
N LEU A 114 -0.06 -22.25 39.51
CA LEU A 114 0.99 -22.67 40.43
C LEU A 114 0.90 -24.16 40.73
N GLY A 115 -0.32 -24.68 40.86
CA GLY A 115 -0.52 -26.11 41.07
C GLY A 115 -0.13 -26.97 39.87
N LYS A 116 -0.33 -26.46 38.66
CA LYS A 116 0.14 -27.19 37.47
C LYS A 116 1.64 -27.13 37.34
N GLY A 117 2.23 -26.01 37.74
CA GLY A 117 3.68 -25.83 37.68
C GLY A 117 4.26 -26.10 36.30
N ARG A 118 5.20 -27.02 36.27
CA ARG A 118 5.98 -27.37 35.07
C ARG A 118 5.15 -28.02 33.96
N SER A 119 4.08 -28.71 34.33
CA SER A 119 3.23 -29.42 33.38
C SER A 119 2.37 -28.51 32.47
N LEU A 120 2.29 -27.21 32.78
CA LEU A 120 1.46 -26.33 31.98
C LEU A 120 2.23 -25.81 30.76
N LEU A 121 1.67 -26.03 29.57
CA LEU A 121 2.25 -25.51 28.33
C LEU A 121 1.99 -24.01 28.28
N LEU A 122 3.05 -23.27 27.97
CA LEU A 122 3.00 -21.83 27.87
C LEU A 122 3.37 -21.47 26.45
N PRO A 123 2.71 -20.47 25.86
CA PRO A 123 1.74 -19.60 26.52
C PRO A 123 0.38 -20.25 26.78
N ALA A 124 -0.33 -19.77 27.80
CA ALA A 124 -1.71 -20.17 28.07
C ALA A 124 -2.63 -18.97 28.05
N LYS A 125 -3.81 -19.16 27.49
CA LYS A 125 -4.81 -18.15 27.43
C LYS A 125 -6.09 -18.71 28.04
N TRP A 126 -6.40 -18.29 29.25
CA TRP A 126 -7.49 -18.87 30.02
C TRP A 126 -8.56 -17.83 30.33
N TYR A 127 -9.83 -18.20 30.21
CA TYR A 127 -10.90 -17.31 30.58
C TYR A 127 -11.93 -18.00 31.45
N SER A 128 -12.71 -17.19 32.16
CA SER A 128 -13.83 -17.68 32.94
CA SER A 128 -13.84 -17.68 32.94
C SER A 128 -14.84 -16.55 33.14
N ILE A 129 -16.02 -16.89 33.63
CA ILE A 129 -17.04 -15.90 33.94
C ILE A 129 -17.59 -16.14 35.34
N PRO A 130 -16.74 -15.99 36.37
CA PRO A 130 -17.13 -16.17 37.77
C PRO A 130 -18.05 -15.09 38.37
N GLN A 131 -18.95 -15.54 39.23
CA GLN A 131 -19.58 -14.66 40.16
C GLN A 131 -18.58 -14.33 41.25
N CYS A 132 -18.42 -13.04 41.56
CA CYS A 132 -17.53 -12.60 42.62
C CYS A 132 -18.34 -11.76 43.61
N TRP A 133 -17.83 -11.70 44.83
CA TRP A 133 -18.58 -11.23 45.98
C TRP A 133 -17.85 -10.16 46.79
N ARG A 134 -18.63 -9.40 47.54
CA ARG A 134 -18.13 -8.39 48.47
C ARG A 134 -19.15 -8.14 49.57
N TYR A 135 -18.69 -7.56 50.68
CA TYR A 135 -19.53 -7.13 51.78
C TYR A 135 -19.24 -5.66 52.08
N GLU A 136 -20.30 -4.86 52.27
CA GLU A 136 -20.15 -3.45 52.65
C GLU A 136 -21.03 -3.10 53.86
N ARG A 142 -26.16 -1.28 48.40
CA ARG A 142 -25.33 -1.60 47.24
C ARG A 142 -25.32 -3.12 46.98
N ARG A 143 -24.88 -3.47 45.77
CA ARG A 143 -24.81 -4.86 45.34
C ARG A 143 -23.61 -5.57 46.00
N ARG A 144 -23.82 -6.82 46.39
CA ARG A 144 -22.78 -7.62 47.02
C ARG A 144 -22.26 -8.69 46.08
N GLU A 145 -22.66 -8.61 44.82
CA GLU A 145 -22.44 -9.73 43.93
C GLU A 145 -22.47 -9.27 42.50
N HIS A 146 -21.54 -9.74 41.70
CA HIS A 146 -21.56 -9.53 40.25
C HIS A 146 -20.84 -10.68 39.53
N TYR A 147 -21.11 -10.82 38.24
CA TYR A 147 -20.35 -11.71 37.37
C TYR A 147 -19.27 -10.90 36.67
N GLN A 148 -18.12 -11.52 36.48
CA GLN A 148 -16.98 -10.83 35.91
C GLN A 148 -16.26 -11.75 34.93
N TRP A 149 -16.30 -11.36 33.66
CA TRP A 149 -15.56 -12.04 32.63
C TRP A 149 -14.10 -11.77 32.88
N ASN A 150 -13.32 -12.84 33.05
CA ASN A 150 -11.90 -12.75 33.23
C ASN A 150 -11.23 -13.32 32.01
N MET A 151 -10.22 -12.61 31.51
CA MET A 151 -9.40 -13.10 30.42
C MET A 151 -7.95 -12.85 30.81
N ASP A 152 -7.13 -13.90 30.78
CA ASP A 152 -5.73 -13.77 31.15
C ASP A 152 -4.82 -14.54 30.20
N ILE A 153 -3.66 -13.93 29.93
CA ILE A 153 -2.62 -14.55 29.13
C ILE A 153 -1.40 -14.78 30.02
N VAL A 154 -0.91 -16.02 30.00
CA VAL A 154 0.15 -16.47 30.89
C VAL A 154 1.34 -16.91 30.07
N GLY A 155 2.54 -16.43 30.42
CA GLY A 155 3.79 -16.87 29.79
C GLY A 155 4.26 -16.07 28.58
N VAL A 156 3.70 -14.87 28.39
CA VAL A 156 4.09 -13.94 27.34
C VAL A 156 4.66 -12.67 27.98
N LYS A 157 5.95 -12.43 27.77
CA LYS A 157 6.65 -11.26 28.30
C LYS A 157 6.29 -9.97 27.58
N SER A 158 5.96 -10.06 26.30
CA SER A 158 5.85 -8.89 25.47
C SER A 158 4.42 -8.29 25.46
N VAL A 159 4.33 -7.02 25.05
CA VAL A 159 3.08 -6.28 25.09
C VAL A 159 2.03 -6.81 24.13
N SER A 160 2.40 -7.73 23.26
CA SER A 160 1.43 -8.42 22.41
C SER A 160 0.28 -9.01 23.24
N ALA A 161 0.56 -9.40 24.47
CA ALA A 161 -0.45 -9.91 25.38
C ALA A 161 -1.48 -8.84 25.70
N GLU A 162 -1.00 -7.69 26.14
CA GLU A 162 -1.88 -6.59 26.50
C GLU A 162 -2.68 -6.15 25.27
N VAL A 163 -2.01 -6.10 24.13
CA VAL A 163 -2.67 -5.79 22.88
C VAL A 163 -3.86 -6.73 22.65
N GLU A 164 -3.61 -8.03 22.73
CA GLU A 164 -4.68 -8.99 22.50
C GLU A 164 -5.81 -8.82 23.51
N LEU A 165 -5.45 -8.63 24.79
CA LEU A 165 -6.45 -8.49 25.86
C LEU A 165 -7.33 -7.28 25.61
N VAL A 166 -6.71 -6.16 25.28
CA VAL A 166 -7.45 -4.95 24.97
C VAL A 166 -8.32 -5.12 23.74
N CYS A 167 -7.78 -5.71 22.68
CA CYS A 167 -8.61 -5.98 21.51
C CYS A 167 -9.81 -6.86 21.85
N ALA A 168 -9.60 -7.85 22.71
CA ALA A 168 -10.69 -8.74 23.13
C ALA A 168 -11.82 -7.97 23.81
N ALA A 169 -11.47 -7.07 24.71
CA ALA A 169 -12.46 -6.23 25.37
C ALA A 169 -13.26 -5.37 24.37
N CYS A 170 -12.55 -4.72 23.46
CA CYS A 170 -13.19 -3.95 22.39
C CYS A 170 -14.09 -4.81 21.52
N TRP A 171 -13.60 -6.01 21.20
CA TRP A 171 -14.31 -6.95 20.32
C TRP A 171 -15.65 -7.34 20.94
N ALA A 172 -15.63 -7.62 22.24
CA ALA A 172 -16.85 -7.92 22.95
C ALA A 172 -17.82 -6.74 22.90
N MET A 173 -17.30 -5.53 23.15
CA MET A 173 -18.17 -4.35 23.16
C MET A 173 -18.76 -4.10 21.77
N ARG A 174 -17.95 -4.24 20.74
CA ARG A 174 -18.42 -4.03 19.38
C ARG A 174 -19.44 -5.10 19.02
N SER A 175 -19.23 -6.31 19.52
CA SER A 175 -20.17 -7.41 19.27
C SER A 175 -21.54 -7.11 19.86
N LEU A 176 -21.57 -6.38 20.97
CA LEU A 176 -22.84 -5.98 21.61
C LEU A 176 -23.51 -4.77 20.94
N GLY A 177 -22.87 -4.19 19.92
CA GLY A 177 -23.41 -3.07 19.17
C GLY A 177 -22.78 -1.71 19.48
N LEU A 178 -21.83 -1.66 20.41
CA LEU A 178 -21.13 -0.41 20.72
C LEU A 178 -20.10 -0.06 19.65
N SER A 179 -19.85 1.23 19.49
CA SER A 179 -18.82 1.72 18.57
C SER A 179 -17.70 2.47 19.31
N SER A 180 -16.65 2.83 18.59
CA SER A 180 -15.57 3.63 19.17
C SER A 180 -16.03 5.04 19.51
N LYS A 181 -17.14 5.49 18.95
CA LYS A 181 -17.78 6.73 19.39
C LYS A 181 -18.40 6.57 20.78
N ASP A 182 -18.86 5.36 21.11
CA ASP A 182 -19.53 5.10 22.37
C ASP A 182 -18.57 4.87 23.52
N VAL A 183 -17.48 4.14 23.26
CA VAL A 183 -16.56 3.72 24.30
C VAL A 183 -15.11 3.80 23.85
N GLY A 184 -14.21 3.65 24.83
CA GLY A 184 -12.80 3.46 24.56
C GLY A 184 -12.08 2.75 25.71
N ILE A 185 -10.79 2.53 25.52
CA ILE A 185 -9.94 1.93 26.55
C ILE A 185 -8.78 2.89 26.83
N LYS A 186 -8.67 3.35 28.06
CA LYS A 186 -7.56 4.19 28.51
C LYS A 186 -6.42 3.31 28.90
N VAL A 187 -5.22 3.64 28.45
CA VAL A 187 -4.06 2.79 28.66
C VAL A 187 -2.87 3.59 29.23
N ASN A 188 -2.13 2.96 30.13
CA ASN A 188 -0.97 3.56 30.78
C ASN A 188 0.01 2.45 31.16
N SER A 189 1.22 2.80 31.59
CA SER A 189 2.12 1.86 32.26
C SER A 189 2.49 2.35 33.65
N ARG A 190 2.40 1.46 34.65
CA ARG A 190 2.86 1.74 36.01
C ARG A 190 4.39 1.92 36.12
N LYS A 191 5.13 1.55 35.07
CA LYS A 191 6.59 1.70 35.10
C LYS A 191 7.05 3.15 35.14
N VAL A 192 6.25 4.04 34.59
CA VAL A 192 6.57 5.46 34.64
C VAL A 192 6.58 5.92 36.09
N LEU A 193 5.47 5.66 36.79
CA LEU A 193 5.35 5.98 38.20
C LEU A 193 6.39 5.25 39.07
N GLN A 194 6.68 3.99 38.71
CA GLN A 194 7.72 3.22 39.41
C GLN A 194 9.05 3.97 39.42
N THR A 195 9.49 4.40 38.25
CA THR A 195 10.73 5.17 38.11
C THR A 195 10.73 6.42 38.98
N VAL A 196 9.63 7.16 38.97
CA VAL A 196 9.52 8.41 39.76
C VAL A 196 9.68 8.15 41.26
N VAL A 197 9.02 7.08 41.75
CA VAL A 197 9.09 6.67 43.13
C VAL A 197 10.49 6.18 43.50
N GLU A 198 11.08 5.36 42.64
CA GLU A 198 12.45 4.86 42.87
C GLU A 198 13.47 6.00 42.92
N GLN A 199 13.35 6.95 42.00
CA GLN A 199 14.27 8.11 41.97
C GLN A 199 14.17 9.01 43.21
N ALA A 200 13.06 8.92 43.94
CA ALA A 200 12.89 9.66 45.18
C ALA A 200 13.39 8.89 46.41
N GLY A 201 13.92 7.69 46.22
CA GLY A 201 14.48 6.90 47.33
C GLY A 201 13.47 6.07 48.12
N VAL A 202 12.26 5.97 47.58
CA VAL A 202 11.17 5.26 48.24
C VAL A 202 11.33 3.76 48.06
N THR A 203 11.48 3.06 49.19
CA THR A 203 11.64 1.61 49.19
C THR A 203 10.54 0.98 48.35
N SER A 204 10.91 0.00 47.53
CA SER A 204 10.02 -0.57 46.53
C SER A 204 8.75 -1.23 47.11
N ASP A 205 8.80 -1.61 48.39
CA ASP A 205 7.62 -2.17 49.07
C ASP A 205 6.48 -1.16 49.28
N LYS A 206 6.74 0.12 49.03
CA LYS A 206 5.70 1.15 49.10
C LYS A 206 5.02 1.40 47.75
N PHE A 207 5.55 0.83 46.67
CA PHE A 207 5.05 1.13 45.32
C PHE A 207 3.59 0.69 45.14
N ALA A 208 3.26 -0.50 45.64
CA ALA A 208 1.90 -1.00 45.54
C ALA A 208 0.90 -0.13 46.33
N PRO A 209 1.18 0.15 47.61
CA PRO A 209 0.35 1.12 48.34
C PRO A 209 0.20 2.46 47.63
N VAL A 210 1.31 3.00 47.12
CA VAL A 210 1.27 4.25 46.33
C VAL A 210 0.28 4.17 45.18
N CYS A 211 0.29 3.05 44.45
CA CYS A 211 -0.66 2.85 43.35
C CYS A 211 -2.10 2.79 43.83
N VAL A 212 -2.33 2.05 44.93
CA VAL A 212 -3.67 1.92 45.52
C VAL A 212 -4.21 3.31 45.89
N ILE A 213 -3.34 4.14 46.44
CA ILE A 213 -3.73 5.47 46.87
C ILE A 213 -4.01 6.41 45.68
N VAL A 214 -3.09 6.44 44.72
CA VAL A 214 -3.19 7.31 43.57
C VAL A 214 -4.40 6.96 42.70
N ASP A 215 -4.79 5.70 42.72
CA ASP A 215 -6.04 5.23 42.11
C ASP A 215 -7.28 5.97 42.66
N LYS A 216 -7.20 6.45 43.90
CA LYS A 216 -8.37 7.09 44.52
C LYS A 216 -8.67 8.53 44.08
N MET A 217 -8.09 9.01 42.97
CA MET A 217 -8.38 10.35 42.46
C MET A 217 -9.41 10.40 41.33
N ARG A 222 -8.02 16.03 44.77
CA ARG A 222 -6.58 16.15 44.86
C ARG A 222 -6.10 16.26 46.32
N GLU A 223 -6.83 17.04 47.13
CA GLU A 223 -6.50 17.21 48.55
C GLU A 223 -6.45 15.88 49.32
N GLU A 224 -7.45 15.03 49.10
CA GLU A 224 -7.63 13.84 49.91
C GLU A 224 -6.51 12.81 49.72
N VAL A 225 -6.13 12.56 48.46
CA VAL A 225 -5.05 11.61 48.13
C VAL A 225 -3.67 12.06 48.61
N GLU A 226 -3.40 13.37 48.53
CA GLU A 226 -2.11 13.94 48.96
C GLU A 226 -1.79 13.61 50.42
N ALA A 227 -2.82 13.58 51.27
CA ALA A 227 -2.65 13.28 52.69
C ALA A 227 -2.27 11.80 52.95
N GLN A 228 -2.93 10.88 52.25
CA GLN A 228 -2.67 9.44 52.41
C GLN A 228 -1.23 9.04 52.06
N LEU A 229 -0.67 9.69 51.03
CA LEU A 229 0.73 9.43 50.63
C LEU A 229 1.68 9.88 51.74
N ALA A 230 1.41 11.04 52.33
CA ALA A 230 2.17 11.53 53.49
C ALA A 230 2.10 10.50 54.62
N VAL A 231 0.89 10.00 54.89
CA VAL A 231 0.68 8.97 55.91
C VAL A 231 1.49 7.72 55.59
N LEU A 232 1.52 7.34 54.32
CA LEU A 232 2.33 6.21 53.85
C LEU A 232 3.82 6.45 54.09
N GLY A 233 4.22 7.73 54.11
CA GLY A 233 5.55 8.14 54.54
C GLY A 233 6.38 8.77 53.44
N LEU A 234 5.78 9.70 52.70
CA LEU A 234 6.41 10.31 51.52
C LEU A 234 6.40 11.84 51.63
N GLU A 235 7.53 12.46 51.29
CA GLU A 235 7.70 13.92 51.41
C GLU A 235 6.88 14.64 50.33
N PRO A 236 6.58 15.94 50.54
CA PRO A 236 5.81 16.71 49.57
C PRO A 236 6.42 16.81 48.15
N THR A 237 7.74 16.86 48.05
CA THR A 237 8.43 16.90 46.75
C THR A 237 8.17 15.63 45.94
N VAL A 238 8.08 14.50 46.64
CA VAL A 238 7.80 13.20 46.03
C VAL A 238 6.33 13.14 45.58
N VAL A 239 5.43 13.67 46.40
CA VAL A 239 4.01 13.75 46.06
C VAL A 239 3.79 14.67 44.85
N ASP A 240 4.48 15.82 44.84
CA ASP A 240 4.49 16.76 43.69
C ASP A 240 4.84 16.07 42.36
N ALA A 241 5.89 15.26 42.37
CA ALA A 241 6.37 14.59 41.17
C ALA A 241 5.37 13.54 40.70
N ILE A 242 4.79 12.79 41.64
CA ILE A 242 3.71 11.86 41.34
C ILE A 242 2.55 12.58 40.65
N THR A 243 2.05 13.62 41.29
CA THR A 243 0.97 14.45 40.77
C THR A 243 1.25 14.93 39.35
N THR A 244 2.46 15.43 39.11
CA THR A 244 2.85 15.94 37.81
C THR A 244 2.80 14.86 36.73
N THR A 245 3.31 13.66 37.02
CA THR A 245 3.37 12.61 35.99
C THR A 245 1.99 12.05 35.65
N LEU A 246 1.08 12.03 36.62
CA LEU A 246 -0.30 11.61 36.37
C LEU A 246 -1.07 12.58 35.48
N SER A 247 -0.60 13.82 35.39
CA SER A 247 -1.26 14.85 34.60
CA SER A 247 -1.25 14.85 34.59
C SER A 247 -0.60 15.06 33.23
N LEU A 248 0.42 14.27 32.91
CA LEU A 248 1.05 14.38 31.60
C LEU A 248 0.09 13.81 30.55
N LYS A 249 -0.10 14.54 29.46
CA LYS A 249 -1.23 14.26 28.56
C LYS A 249 -0.89 13.44 27.32
N SER A 250 0.39 13.15 27.09
CA SER A 250 0.80 12.33 25.95
C SER A 250 2.02 11.49 26.26
N ILE A 251 2.27 10.48 25.42
CA ILE A 251 3.46 9.65 25.52
C ILE A 251 4.72 10.50 25.26
N ASP A 252 4.63 11.45 24.34
CA ASP A 252 5.75 12.35 24.09
C ASP A 252 6.17 13.10 25.36
N GLU A 253 5.20 13.57 26.13
CA GLU A 253 5.49 14.25 27.39
C GLU A 253 6.11 13.29 28.39
N ILE A 254 5.69 12.03 28.37
CA ILE A 254 6.37 11.00 29.16
C ILE A 254 7.82 10.84 28.70
N ALA A 255 8.03 10.78 27.38
CA ALA A 255 9.38 10.63 26.84
C ALA A 255 10.29 11.79 27.26
N GLN A 256 9.76 13.00 27.24
CA GLN A 256 10.51 14.18 27.70
C GLN A 256 11.01 14.03 29.14
N ARG A 257 10.18 13.46 30.00
CA ARG A 257 10.48 13.35 31.43
C ARG A 257 11.41 12.19 31.75
N VAL A 258 11.10 10.99 31.24
CA VAL A 258 11.86 9.78 31.59
C VAL A 258 12.73 9.22 30.46
N GLY A 259 12.68 9.84 29.28
CA GLY A 259 13.45 9.38 28.13
C GLY A 259 12.66 8.48 27.22
N GLU A 260 12.95 8.58 25.92
CA GLU A 260 12.28 7.80 24.87
C GLU A 260 12.65 6.32 24.94
N GLU A 261 13.80 6.00 25.51
CA GLU A 261 14.23 4.61 25.61
C GLU A 261 13.77 3.94 26.92
N HIS A 262 13.07 4.67 27.77
CA HIS A 262 12.43 4.08 28.96
C HIS A 262 11.49 2.95 28.51
N GLU A 263 11.49 1.86 29.28
CA GLU A 263 10.64 0.70 28.98
C GLU A 263 9.20 1.09 28.72
N ALA A 264 8.63 1.87 29.64
CA ALA A 264 7.24 2.29 29.51
C ALA A 264 6.96 2.93 28.16
N VAL A 265 7.89 3.76 27.68
CA VAL A 265 7.64 4.46 26.41
C VAL A 265 7.69 3.48 25.24
N LYS A 266 8.74 2.66 25.18
CA LYS A 266 8.84 1.68 24.10
C LYS A 266 7.66 0.71 24.11
N GLU A 267 7.26 0.26 25.29
CA GLU A 267 6.17 -0.69 25.41
C GLU A 267 4.84 -0.07 24.97
N LEU A 268 4.55 1.13 25.45
CA LEU A 268 3.32 1.83 25.06
C LEU A 268 3.30 2.09 23.54
N ARG A 269 4.44 2.46 22.97
CA ARG A 269 4.51 2.71 21.54
C ARG A 269 4.24 1.44 20.72
N GLN A 270 4.87 0.34 21.11
CA GLN A 270 4.60 -0.97 20.52
C GLN A 270 3.12 -1.32 20.65
N PHE A 271 2.58 -1.16 21.86
CA PHE A 271 1.18 -1.41 22.12
C PHE A 271 0.26 -0.68 21.14
N PHE A 272 0.46 0.63 20.97
CA PHE A 272 -0.43 1.39 20.09
C PHE A 272 -0.23 1.01 18.62
N GLU A 273 1.03 0.76 18.22
CA GLU A 273 1.31 0.33 16.87
C GLU A 273 0.53 -0.95 16.55
N GLN A 274 0.54 -1.90 17.49
CA GLN A 274 -0.11 -3.19 17.27
C GLN A 274 -1.63 -3.08 17.23
N VAL A 275 -2.22 -2.32 18.14
CA VAL A 275 -3.67 -2.13 18.13
C VAL A 275 -4.09 -1.44 16.83
N GLU A 276 -3.32 -0.42 16.44
CA GLU A 276 -3.56 0.26 15.17
C GLU A 276 -3.57 -0.78 14.03
N ALA A 277 -2.56 -1.63 14.00
CA ALA A 277 -2.44 -2.67 12.97
C ALA A 277 -3.63 -3.64 12.94
N TYR A 278 -4.17 -3.95 14.12
CA TYR A 278 -5.30 -4.86 14.26
C TYR A 278 -6.61 -4.20 13.85
N GLY A 279 -6.61 -2.87 13.76
CA GLY A 279 -7.74 -2.10 13.23
C GLY A 279 -8.63 -1.47 14.29
N TYR A 280 -8.14 -1.42 15.53
CA TYR A 280 -8.91 -0.84 16.65
C TYR A 280 -8.26 0.43 17.22
N GLY A 281 -7.48 1.13 16.40
CA GLY A 281 -6.84 2.38 16.82
C GLY A 281 -7.76 3.44 17.41
N ASP A 282 -8.97 3.55 16.84
CA ASP A 282 -9.94 4.52 17.33
C ASP A 282 -10.46 4.19 18.74
N TRP A 283 -10.28 2.95 19.19
CA TRP A 283 -10.82 2.51 20.48
C TRP A 283 -9.92 2.78 21.67
N VAL A 284 -8.66 3.08 21.41
CA VAL A 284 -7.66 3.13 22.49
C VAL A 284 -6.97 4.48 22.55
N LEU A 285 -6.51 4.82 23.75
CA LEU A 285 -5.82 6.09 23.97
C LEU A 285 -4.97 6.03 25.23
N PHE A 286 -4.01 6.94 25.30
CA PHE A 286 -3.11 7.05 26.44
C PHE A 286 -3.72 7.94 27.51
N ASP A 287 -3.64 7.49 28.76
CA ASP A 287 -4.08 8.32 29.89
C ASP A 287 -3.18 8.03 31.09
N ALA A 288 -2.37 9.01 31.45
CA ALA A 288 -1.35 8.85 32.48
C ALA A 288 -1.89 8.72 33.91
N SER A 289 -3.18 8.98 34.09
CA SER A 289 -3.79 8.89 35.42
C SER A 289 -4.34 7.49 35.71
N VAL A 290 -4.33 6.59 34.73
CA VAL A 290 -4.83 5.24 34.93
C VAL A 290 -3.76 4.37 35.59
N VAL A 291 -4.04 3.92 36.82
CA VAL A 291 -3.16 3.00 37.53
C VAL A 291 -3.84 1.70 37.99
N ARG A 292 -5.18 1.73 38.13
CA ARG A 292 -5.97 0.65 38.75
C ARG A 292 -5.71 0.53 40.25
N GLY A 293 -6.64 -0.10 40.96
CA GLY A 293 -6.58 -0.20 42.42
C GLY A 293 -5.95 -1.47 42.99
N LEU A 294 -5.49 -2.36 42.13
CA LEU A 294 -4.96 -3.64 42.58
C LEU A 294 -3.46 -3.60 42.83
N ALA A 295 -3.01 -4.31 43.85
CA ALA A 295 -1.63 -4.23 44.29
C ALA A 295 -0.67 -4.76 43.23
N TYR A 296 -1.12 -5.73 42.44
CA TYR A 296 -0.19 -6.60 41.71
C TYR A 296 0.19 -6.16 40.29
N TYR A 297 -0.44 -5.13 39.74
CA TYR A 297 -0.07 -4.70 38.37
C TYR A 297 1.35 -4.12 38.39
N THR A 298 2.20 -4.63 37.51
CA THR A 298 3.57 -4.18 37.38
C THR A 298 3.86 -3.35 36.13
N GLY A 299 3.04 -3.50 35.09
CA GLY A 299 3.37 -2.93 33.79
C GLY A 299 2.20 -2.14 33.24
N ILE A 300 1.85 -2.42 31.99
CA ILE A 300 0.72 -1.76 31.36
C ILE A 300 -0.55 -2.02 32.16
N VAL A 301 -1.35 -0.97 32.33
CA VAL A 301 -2.70 -1.08 32.91
C VAL A 301 -3.70 -0.36 32.01
N PHE A 302 -4.95 -0.75 32.10
CA PHE A 302 -5.98 -0.19 31.24
C PHE A 302 -7.36 -0.32 31.83
N GLU A 303 -8.27 0.51 31.34
CA GLU A 303 -9.66 0.42 31.71
C GLU A 303 -10.60 0.97 30.64
N GLY A 304 -11.75 0.32 30.48
CA GLY A 304 -12.72 0.70 29.48
C GLY A 304 -13.64 1.74 30.08
N PHE A 305 -14.14 2.65 29.25
CA PHE A 305 -14.98 3.73 29.75
C PHE A 305 -15.92 4.18 28.67
N ASP A 306 -17.08 4.70 29.08
CA ASP A 306 -18.00 5.32 28.13
C ASP A 306 -17.55 6.76 27.90
N ARG A 307 -17.57 7.16 26.63
CA ARG A 307 -17.09 8.48 26.22
C ARG A 307 -18.02 9.65 26.58
N GLU A 308 -19.18 9.35 27.14
CA GLU A 308 -20.05 10.40 27.69
C GLU A 308 -19.73 10.71 29.15
N GLY A 309 -18.86 9.93 29.78
CA GLY A 309 -18.51 10.14 31.19
C GLY A 309 -19.66 9.90 32.16
N LYS A 310 -20.55 8.98 31.82
CA LYS A 310 -21.73 8.70 32.64
C LYS A 310 -21.55 7.56 33.61
N PHE A 311 -20.67 6.61 33.29
CA PHE A 311 -20.57 5.37 34.06
C PHE A 311 -19.19 5.12 34.59
N ARG A 312 -19.13 4.26 35.59
CA ARG A 312 -17.86 3.73 36.11
C ARG A 312 -17.18 2.88 35.03
N ALA A 313 -16.02 2.32 35.35
CA ALA A 313 -15.25 1.54 34.39
C ALA A 313 -15.99 0.31 33.89
N LEU A 314 -15.93 0.07 32.59
CA LEU A 314 -16.58 -1.07 31.95
C LEU A 314 -15.76 -2.34 32.13
N CYS A 315 -14.45 -2.16 32.26
CA CYS A 315 -13.53 -3.27 32.43
C CYS A 315 -12.20 -2.71 32.85
N GLY A 316 -11.33 -3.57 33.34
CA GLY A 316 -10.06 -3.13 33.90
C GLY A 316 -9.06 -4.25 33.96
N GLY A 317 -7.80 -3.93 33.73
CA GLY A 317 -6.77 -4.97 33.74
C GLY A 317 -5.35 -4.46 33.61
N GLY A 318 -4.43 -5.38 33.38
CA GLY A 318 -3.04 -5.03 33.34
C GLY A 318 -2.09 -6.21 33.42
N ARG A 319 -0.81 -5.91 33.35
CA ARG A 319 0.23 -6.90 33.46
C ARG A 319 0.57 -7.05 34.94
N TYR A 320 0.75 -8.28 35.38
CA TYR A 320 1.11 -8.59 36.76
C TYR A 320 2.17 -9.69 36.80
N ASP A 321 3.43 -9.29 36.56
CA ASP A 321 4.56 -10.22 36.36
C ASP A 321 5.18 -10.81 37.63
N ASN A 322 4.88 -10.23 38.79
CA ASN A 322 5.46 -10.74 40.04
C ASN A 322 4.49 -11.57 40.90
N LEU A 323 3.20 -11.59 40.57
CA LEU A 323 2.20 -12.27 41.42
C LEU A 323 2.57 -13.72 41.72
N LEU A 324 2.88 -14.48 40.68
CA LEU A 324 3.21 -15.88 40.86
C LEU A 324 4.48 -16.04 41.70
N THR A 325 5.44 -15.13 41.53
CA THR A 325 6.63 -15.13 42.38
C THR A 325 6.25 -14.92 43.86
N THR A 326 5.32 -14.01 44.15
CA THR A 326 4.89 -13.80 45.55
C THR A 326 4.14 -15.00 46.12
N TYR A 327 3.50 -15.78 45.25
CA TYR A 327 2.83 -17.02 45.68
C TYR A 327 3.80 -18.19 45.89
N GLY A 328 5.08 -18.00 45.60
CA GLY A 328 6.11 -19.02 45.81
C GLY A 328 6.58 -19.75 44.57
N SER A 329 6.15 -19.33 43.38
CA SER A 329 6.68 -19.90 42.14
C SER A 329 8.20 -19.78 42.12
N PRO A 330 8.91 -20.89 41.80
CA PRO A 330 10.37 -20.83 41.77
C PRO A 330 10.92 -20.05 40.57
N THR A 331 10.14 -19.91 39.51
CA THR A 331 10.52 -19.08 38.38
C THR A 331 9.47 -18.00 38.14
N PRO A 332 9.89 -16.78 37.78
CA PRO A 332 8.88 -15.75 37.50
C PRO A 332 8.01 -16.19 36.34
N ILE A 333 6.74 -15.81 36.38
CA ILE A 333 5.81 -16.15 35.31
C ILE A 333 5.04 -14.92 34.89
N PRO A 334 5.33 -14.42 33.66
CA PRO A 334 4.63 -13.25 33.16
C PRO A 334 3.14 -13.56 32.97
N CYS A 335 2.31 -12.59 33.34
CA CYS A 335 0.85 -12.68 33.20
C CYS A 335 0.30 -11.30 32.90
N ALA A 336 -0.84 -11.28 32.22
CA ALA A 336 -1.62 -10.08 32.04
C ALA A 336 -3.05 -10.51 31.84
N GLY A 337 -3.98 -9.66 32.21
CA GLY A 337 -5.38 -9.97 32.01
C GLY A 337 -6.31 -8.85 32.42
N PHE A 338 -7.61 -9.11 32.29
CA PHE A 338 -8.61 -8.13 32.70
C PHE A 338 -9.89 -8.78 33.26
N GLY A 339 -10.65 -7.97 33.96
CA GLY A 339 -11.97 -8.28 34.43
C GLY A 339 -12.93 -7.34 33.75
N PHE A 340 -14.14 -7.82 33.46
CA PHE A 340 -15.15 -7.09 32.72
C PHE A 340 -16.46 -7.49 33.39
N GLY A 341 -17.02 -6.59 34.19
CA GLY A 341 -18.19 -6.85 35.00
C GLY A 341 -19.47 -6.87 34.19
N ASP A 342 -20.53 -7.40 34.80
CA ASP A 342 -21.79 -7.59 34.11
C ASP A 342 -22.82 -6.50 34.41
N CYS A 343 -22.44 -5.48 35.16
CA CYS A 343 -23.41 -4.48 35.58
C CYS A 343 -23.27 -3.16 34.80
N VAL A 344 -22.06 -2.60 34.72
CA VAL A 344 -21.88 -1.33 34.04
C VAL A 344 -22.21 -1.45 32.55
N ILE A 345 -21.69 -2.50 31.92
CA ILE A 345 -21.99 -2.75 30.50
C ILE A 345 -23.49 -2.78 30.21
N VAL A 346 -24.27 -3.35 31.11
CA VAL A 346 -25.71 -3.47 30.88
C VAL A 346 -26.37 -2.11 30.98
N GLU A 347 -25.96 -1.29 31.95
CA GLU A 347 -26.44 0.09 32.06
C GLU A 347 -26.17 0.87 30.78
N LEU A 348 -24.94 0.78 30.31
CA LEU A 348 -24.52 1.48 29.09
C LEU A 348 -25.34 1.04 27.90
N LEU A 349 -25.47 -0.27 27.71
CA LEU A 349 -26.26 -0.81 26.62
C LEU A 349 -27.73 -0.39 26.70
N GLN A 350 -28.30 -0.33 27.90
CA GLN A 350 -29.66 0.18 28.11
C GLN A 350 -29.78 1.63 27.64
N GLU A 351 -28.82 2.48 28.04
CA GLU A 351 -28.80 3.88 27.60
C GLU A 351 -28.77 4.00 26.07
N LYS A 352 -27.92 3.20 25.43
CA LYS A 352 -27.74 3.25 23.98
C LYS A 352 -28.81 2.47 23.21
N ARG A 353 -29.80 1.94 23.91
CA ARG A 353 -30.90 1.17 23.31
C ARG A 353 -30.43 -0.04 22.54
N LEU A 354 -29.42 -0.71 23.11
CA LEU A 354 -28.85 -1.90 22.51
C LEU A 354 -29.29 -3.17 23.25
N LEU A 355 -30.20 -3.06 24.20
CA LEU A 355 -30.73 -4.22 24.92
C LEU A 355 -32.24 -4.34 24.73
N PRO A 356 -32.69 -4.54 23.47
CA PRO A 356 -34.12 -4.77 23.32
C PRO A 356 -34.52 -6.05 24.04
N ASP A 357 -35.74 -6.10 24.55
CA ASP A 357 -36.28 -7.33 25.13
C ASP A 357 -36.12 -8.44 24.09
N ILE A 358 -35.46 -9.52 24.48
CA ILE A 358 -35.39 -10.71 23.67
C ILE A 358 -36.51 -11.61 24.15
N PRO A 359 -37.56 -11.82 23.33
CA PRO A 359 -38.62 -12.69 23.81
C PRO A 359 -38.26 -14.17 23.69
N HIS A 360 -38.81 -15.00 24.56
CA HIS A 360 -38.62 -16.45 24.42
C HIS A 360 -39.08 -16.92 23.02
N VAL A 361 -38.38 -17.92 22.48
CA VAL A 361 -38.75 -18.53 21.19
C VAL A 361 -38.65 -20.04 21.27
N VAL A 362 -39.48 -20.70 20.48
CA VAL A 362 -39.43 -22.15 20.35
C VAL A 362 -39.87 -22.38 18.90
N ASP A 363 -39.36 -23.43 18.27
CA ASP A 363 -39.70 -23.64 16.86
C ASP A 363 -41.16 -24.06 16.69
N ASP A 364 -41.57 -25.12 17.40
CA ASP A 364 -42.90 -25.71 17.22
C ASP A 364 -43.68 -25.87 18.51
N VAL A 365 -44.99 -25.68 18.43
CA VAL A 365 -45.88 -26.08 19.51
C VAL A 365 -46.87 -27.11 18.97
N VAL A 366 -46.82 -28.31 19.54
CA VAL A 366 -47.66 -29.41 19.11
C VAL A 366 -48.93 -29.40 19.94
N ILE A 367 -50.07 -29.39 19.24
CA ILE A 367 -51.38 -29.24 19.87
C ILE A 367 -52.26 -30.46 19.59
N PRO A 368 -52.49 -31.29 20.61
CA PRO A 368 -53.47 -32.37 20.42
C PRO A 368 -54.85 -31.78 20.19
N PHE A 369 -55.57 -32.25 19.16
CA PHE A 369 -56.94 -31.80 18.94
C PHE A 369 -57.75 -31.98 20.21
N ASP A 370 -57.63 -33.17 20.81
CA ASP A 370 -58.21 -33.48 22.12
C ASP A 370 -57.32 -34.52 22.79
N GLU A 371 -57.72 -35.03 23.95
CA GLU A 371 -56.90 -35.98 24.70
C GLU A 371 -56.71 -37.34 24.02
N SER A 372 -57.66 -37.76 23.21
CA SER A 372 -57.51 -39.00 22.46
C SER A 372 -56.38 -38.90 21.42
N MET A 373 -55.99 -37.67 21.07
CA MET A 373 -54.87 -37.45 20.17
C MET A 373 -53.52 -37.24 20.87
N ARG A 374 -53.46 -37.34 22.19
CA ARG A 374 -52.19 -37.08 22.89
C ARG A 374 -51.08 -38.06 22.50
N PRO A 375 -51.37 -39.38 22.44
CA PRO A 375 -50.31 -40.33 22.06
C PRO A 375 -49.72 -40.07 20.68
N HIS A 376 -50.57 -39.79 19.70
CA HIS A 376 -50.08 -39.48 18.38
C HIS A 376 -49.28 -38.19 18.42
N ALA A 377 -49.76 -37.22 19.20
CA ALA A 377 -49.10 -35.93 19.29
C ALA A 377 -47.70 -36.07 19.87
N LEU A 378 -47.58 -36.98 20.83
CA LEU A 378 -46.31 -37.26 21.46
C LEU A 378 -45.33 -37.87 20.47
N ALA A 379 -45.82 -38.73 19.58
CA ALA A 379 -44.98 -39.30 18.53
C ALA A 379 -44.51 -38.20 17.58
N VAL A 380 -45.39 -37.27 17.25
CA VAL A 380 -45.02 -36.15 16.40
C VAL A 380 -43.95 -35.29 17.09
N LEU A 381 -44.17 -35.01 18.38
CA LEU A 381 -43.25 -34.22 19.20
C LEU A 381 -41.86 -34.83 19.23
N ARG A 382 -41.81 -36.15 19.46
CA ARG A 382 -40.57 -36.92 19.39
C ARG A 382 -39.82 -36.67 18.06
N ARG A 383 -40.54 -36.78 16.94
CA ARG A 383 -39.91 -36.64 15.63
C ARG A 383 -39.33 -35.23 15.43
N LEU A 384 -40.09 -34.23 15.88
CA LEU A 384 -39.63 -32.85 15.76
C LEU A 384 -38.35 -32.63 16.55
N ARG A 385 -38.33 -33.12 17.78
CA ARG A 385 -37.15 -32.99 18.63
C ARG A 385 -35.95 -33.79 18.11
N ASP A 386 -36.22 -34.98 17.55
CA ASP A 386 -35.13 -35.80 16.98
C ASP A 386 -34.41 -35.09 15.84
N ALA A 387 -35.13 -34.21 15.15
CA ALA A 387 -34.59 -33.49 14.00
C ALA A 387 -33.87 -32.20 14.40
N GLY A 388 -33.80 -31.92 15.71
CA GLY A 388 -33.04 -30.76 16.20
C GLY A 388 -33.88 -29.51 16.38
N ARG A 389 -35.19 -29.68 16.43
CA ARG A 389 -36.08 -28.54 16.64
C ARG A 389 -36.45 -28.42 18.10
N SER A 390 -36.65 -27.17 18.54
CA SER A 390 -37.18 -26.93 19.86
C SER A 390 -38.70 -27.00 19.76
N ALA A 391 -39.33 -27.83 20.59
CA ALA A 391 -40.77 -28.04 20.49
C ALA A 391 -41.41 -28.27 21.82
N ASP A 392 -42.57 -27.65 22.00
CA ASP A 392 -43.46 -27.93 23.11
C ASP A 392 -44.61 -28.81 22.67
N ILE A 393 -45.22 -29.48 23.64
CA ILE A 393 -46.55 -30.03 23.49
C ILE A 393 -47.42 -29.38 24.56
N ILE A 394 -48.66 -29.08 24.21
CA ILE A 394 -49.59 -28.56 25.19
C ILE A 394 -49.79 -29.68 26.20
N LEU A 395 -49.49 -29.39 27.47
CA LEU A 395 -49.42 -30.41 28.50
C LEU A 395 -50.75 -30.63 29.20
N ASP A 396 -51.46 -29.55 29.50
CA ASP A 396 -52.79 -29.69 30.12
C ASP A 396 -53.90 -29.70 29.06
N LYS A 397 -55.11 -29.93 29.54
CA LYS A 397 -56.29 -30.05 28.70
C LYS A 397 -56.76 -28.65 28.35
N LYS A 398 -56.75 -28.29 27.08
CA LYS A 398 -57.37 -27.04 26.66
C LYS A 398 -57.85 -27.04 25.21
N LYS A 399 -58.69 -26.08 24.87
CA LYS A 399 -59.24 -25.98 23.54
C LYS A 399 -58.22 -25.41 22.57
N VAL A 400 -58.43 -25.68 21.29
CA VAL A 400 -57.41 -25.45 20.26
C VAL A 400 -57.00 -23.97 20.16
N VAL A 401 -57.97 -23.08 20.13
CA VAL A 401 -57.70 -21.64 20.05
C VAL A 401 -56.86 -21.14 21.24
N GLN A 402 -57.15 -21.63 22.44
CA GLN A 402 -56.33 -21.28 23.63
C GLN A 402 -54.91 -21.85 23.50
N ALA A 403 -54.82 -23.07 22.97
CA ALA A 403 -53.53 -23.67 22.70
C ALA A 403 -52.76 -22.79 21.71
N PHE A 404 -53.46 -22.32 20.67
CA PHE A 404 -52.86 -21.40 19.67
C PHE A 404 -52.34 -20.12 20.32
N ASN A 405 -53.15 -19.53 21.20
CA ASN A 405 -52.75 -18.32 21.91
C ASN A 405 -51.49 -18.56 22.74
N TYR A 406 -51.47 -19.70 23.42
CA TYR A 406 -50.34 -20.06 24.25
C TYR A 406 -49.09 -20.17 23.40
N ALA A 407 -49.24 -20.79 22.24
CA ALA A 407 -48.16 -20.89 21.28
C ALA A 407 -47.63 -19.51 20.92
N ASP A 408 -48.51 -18.56 20.68
CA ASP A 408 -48.09 -17.20 20.36
C ASP A 408 -47.33 -16.56 21.53
N ARG A 409 -47.87 -16.75 22.73
CA ARG A 409 -47.25 -16.22 23.96
C ARG A 409 -45.82 -16.72 24.21
N VAL A 410 -45.55 -17.98 23.89
CA VAL A 410 -44.19 -18.51 24.06
C VAL A 410 -43.28 -18.30 22.83
N GLY A 411 -43.77 -17.59 21.81
CA GLY A 411 -42.94 -17.22 20.66
C GLY A 411 -42.70 -18.36 19.69
N ALA A 412 -43.65 -19.28 19.61
CA ALA A 412 -43.60 -20.38 18.63
C ALA A 412 -43.55 -19.83 17.20
N VAL A 413 -42.66 -20.37 16.41
CA VAL A 413 -42.59 -20.05 15.00
C VAL A 413 -43.72 -20.78 14.28
N ARG A 414 -44.12 -21.93 14.80
CA ARG A 414 -45.05 -22.78 14.08
C ARG A 414 -45.92 -23.61 15.02
N ALA A 415 -47.22 -23.67 14.73
CA ALA A 415 -48.15 -24.53 15.45
C ALA A 415 -48.47 -25.78 14.64
N VAL A 416 -48.47 -26.94 15.30
CA VAL A 416 -48.68 -28.21 14.66
C VAL A 416 -49.87 -28.90 15.32
N LEU A 417 -51.02 -28.85 14.67
CA LEU A 417 -52.26 -29.38 15.18
C LEU A 417 -52.39 -30.86 14.78
N VAL A 418 -52.53 -31.72 15.78
CA VAL A 418 -52.63 -33.15 15.57
C VAL A 418 -54.09 -33.56 15.76
N ALA A 419 -54.80 -33.62 14.64
CA ALA A 419 -56.25 -33.85 14.60
C ALA A 419 -56.57 -35.19 13.95
N PRO A 420 -57.67 -35.83 14.40
CA PRO A 420 -57.98 -37.20 13.98
C PRO A 420 -58.18 -37.37 12.47
N GLU A 421 -58.77 -36.37 11.79
CA GLU A 421 -59.01 -36.46 10.34
C GLU A 421 -57.70 -36.54 9.56
N GLU A 422 -56.77 -35.64 9.88
CA GLU A 422 -55.49 -35.59 9.19
C GLU A 422 -54.60 -36.78 9.55
N TRP A 423 -54.69 -37.25 10.80
CA TRP A 423 -53.87 -38.38 11.25
C TRP A 423 -54.15 -39.66 10.45
N GLU A 424 -55.41 -39.89 10.07
CA GLU A 424 -55.77 -41.02 9.20
C GLU A 424 -55.09 -40.94 7.83
N ARG A 425 -54.86 -39.72 7.35
CA ARG A 425 -54.17 -39.49 6.07
C ARG A 425 -52.64 -39.43 6.20
N GLY A 426 -52.12 -39.74 7.38
CA GLY A 426 -50.70 -39.62 7.65
C GLY A 426 -50.22 -38.17 7.68
N GLU A 427 -51.05 -37.29 8.24
CA GLU A 427 -50.79 -35.85 8.21
C GLU A 427 -51.11 -35.13 9.53
N VAL A 428 -50.64 -33.88 9.61
CA VAL A 428 -51.02 -32.93 10.64
C VAL A 428 -51.35 -31.61 9.96
N GLN A 429 -51.95 -30.68 10.69
CA GLN A 429 -52.15 -29.32 10.20
C GLN A 429 -51.07 -28.44 10.79
N VAL A 430 -50.44 -27.65 9.93
CA VAL A 430 -49.38 -26.73 10.33
C VAL A 430 -49.86 -25.31 10.11
N LYS A 431 -49.57 -24.43 11.06
CA LYS A 431 -49.89 -23.02 10.92
C LYS A 431 -48.67 -22.18 11.33
N MET A 432 -48.25 -21.28 10.46
CA MET A 432 -47.09 -20.42 10.73
C MET A 432 -47.56 -19.21 11.53
N LEU A 433 -46.80 -18.84 12.57
CA LEU A 433 -47.16 -17.72 13.43
C LEU A 433 -46.45 -16.43 13.07
N ARG A 434 -45.44 -16.50 12.21
CA ARG A 434 -44.84 -15.29 11.66
C ARG A 434 -44.29 -15.52 10.26
N ARG A 446 -53.19 -19.24 5.93
CA ARG A 446 -53.38 -19.75 7.28
C ARG A 446 -53.97 -21.18 7.24
N GLY A 447 -53.21 -22.16 7.73
CA GLY A 447 -53.68 -23.54 7.91
C GLY A 447 -53.45 -24.46 6.73
N PHE A 448 -52.42 -25.32 6.80
CA PHE A 448 -52.10 -26.28 5.73
C PHE A 448 -51.87 -27.66 6.30
N ALA A 449 -52.22 -28.69 5.52
CA ALA A 449 -51.96 -30.07 5.91
C ALA A 449 -50.59 -30.53 5.40
N VAL A 450 -49.87 -31.29 6.22
CA VAL A 450 -48.50 -31.69 5.90
C VAL A 450 -48.24 -33.16 6.26
N PRO A 451 -47.60 -33.93 5.36
CA PRO A 451 -47.25 -35.30 5.71
C PRO A 451 -46.28 -35.37 6.89
N LEU A 452 -46.42 -36.40 7.71
CA LEU A 452 -45.61 -36.54 8.92
C LEU A 452 -44.10 -36.51 8.62
N ASP A 453 -43.68 -37.17 7.55
CA ASP A 453 -42.26 -37.20 7.17
C ASP A 453 -41.73 -35.86 6.67
N ARG A 454 -42.62 -34.98 6.23
CA ARG A 454 -42.21 -33.69 5.67
C ARG A 454 -42.18 -32.53 6.70
N LEU A 455 -42.43 -32.81 7.97
CA LEU A 455 -42.42 -31.76 9.00
C LEU A 455 -41.03 -31.19 9.28
N VAL A 456 -40.00 -31.94 8.88
CA VAL A 456 -38.62 -31.57 9.13
C VAL A 456 -37.77 -31.80 7.88
N MET B 26 -13.84 2.99 -10.61
CA MET B 26 -13.11 3.12 -11.91
C MET B 26 -11.60 3.29 -11.69
N VAL B 27 -10.79 2.52 -12.41
CA VAL B 27 -9.33 2.62 -12.29
C VAL B 27 -8.86 3.97 -12.86
N GLU B 28 -7.62 4.33 -12.55
CA GLU B 28 -7.03 5.54 -13.07
C GLU B 28 -6.72 5.34 -14.55
N THR B 29 -7.30 6.18 -15.40
CA THR B 29 -7.10 6.05 -16.84
C THR B 29 -5.89 6.83 -17.32
N GLU B 30 -5.42 7.81 -16.54
CA GLU B 30 -4.22 8.56 -16.90
C GLU B 30 -2.97 7.71 -16.66
N PRO B 31 -1.95 7.88 -17.49
CA PRO B 31 -0.71 7.17 -17.26
C PRO B 31 -0.01 7.69 -16.00
N VAL B 32 1.00 6.96 -15.57
CA VAL B 32 1.83 7.41 -14.47
C VAL B 32 2.42 8.79 -14.81
N GLN B 33 2.55 9.61 -13.77
CA GLN B 33 3.08 10.97 -13.84
C GLN B 33 4.29 11.13 -14.75
N GLY B 34 4.18 12.04 -15.71
CA GLY B 34 5.28 12.34 -16.63
C GLY B 34 5.51 11.34 -17.76
N CYS B 35 4.59 10.40 -17.96
CA CYS B 35 4.75 9.40 -19.00
C CYS B 35 3.61 9.46 -19.99
N ARG B 36 3.89 9.09 -21.25
CA ARG B 36 2.92 9.22 -22.32
C ARG B 36 2.32 7.89 -22.80
N ASP B 37 1.02 7.92 -23.07
CA ASP B 37 0.33 6.87 -23.78
C ASP B 37 0.47 7.13 -25.27
N PHE B 38 0.51 6.05 -26.07
CA PHE B 38 0.47 6.17 -27.54
C PHE B 38 -0.65 5.32 -28.12
N PRO B 39 -1.89 5.82 -28.03
CA PRO B 39 -2.95 5.14 -28.77
C PRO B 39 -2.63 5.28 -30.25
N PRO B 40 -3.35 4.57 -31.12
CA PRO B 40 -2.94 4.44 -32.51
C PRO B 40 -2.71 5.77 -33.25
N GLU B 41 -3.58 6.75 -33.03
CA GLU B 41 -3.37 8.07 -33.64
C GLU B 41 -1.99 8.63 -33.26
N ALA B 42 -1.65 8.64 -31.97
CA ALA B 42 -0.36 9.14 -31.53
C ALA B 42 0.77 8.22 -31.97
N MET B 43 0.53 6.91 -32.00
CA MET B 43 1.57 5.97 -32.44
C MET B 43 1.95 6.18 -33.91
N ARG B 44 0.99 6.54 -34.76
CA ARG B 44 1.29 6.77 -36.17
C ARG B 44 2.32 7.90 -36.32
N CYS B 45 2.19 8.91 -35.48
CA CYS B 45 3.10 10.05 -35.47
CA CYS B 45 3.09 10.04 -35.53
C CYS B 45 4.49 9.62 -35.04
N ARG B 46 4.55 8.90 -33.91
CA ARG B 46 5.81 8.38 -33.42
C ARG B 46 6.49 7.49 -34.47
N ARG B 47 5.71 6.64 -35.10
CA ARG B 47 6.19 5.73 -36.16
C ARG B 47 6.74 6.45 -37.38
N HIS B 48 6.06 7.50 -37.79
CA HIS B 48 6.54 8.39 -38.84
C HIS B 48 7.96 8.88 -38.49
N LEU B 49 8.17 9.30 -37.25
CA LEU B 49 9.45 9.81 -36.83
C LEU B 49 10.48 8.69 -36.78
N PHE B 50 10.10 7.58 -36.17
CA PHE B 50 11.03 6.47 -36.01
C PHE B 50 11.40 5.85 -37.37
N ASP B 51 10.48 5.82 -38.32
CA ASP B 51 10.82 5.33 -39.68
C ASP B 51 11.97 6.14 -40.25
N VAL B 52 11.94 7.46 -40.01
CA VAL B 52 13.01 8.31 -40.49
C VAL B 52 14.33 8.01 -39.76
N PHE B 53 14.29 7.83 -38.45
CA PHE B 53 15.49 7.49 -37.69
C PHE B 53 16.10 6.19 -38.22
N HIS B 54 15.28 5.16 -38.35
CA HIS B 54 15.73 3.89 -38.91
C HIS B 54 16.25 4.02 -40.33
N ALA B 55 15.52 4.73 -41.17
CA ALA B 55 15.87 4.82 -42.59
C ALA B 55 17.15 5.62 -42.75
N THR B 56 17.31 6.66 -41.93
CA THR B 56 18.53 7.43 -41.97
C THR B 56 19.71 6.57 -41.51
N ALA B 57 19.52 5.81 -40.44
CA ALA B 57 20.56 4.91 -39.96
C ALA B 57 20.97 3.91 -41.05
N LYS B 58 19.98 3.31 -41.69
CA LYS B 58 20.25 2.38 -42.78
C LYS B 58 20.98 3.07 -43.95
N THR B 59 20.53 4.26 -44.32
CA THR B 59 21.16 5.01 -45.39
C THR B 59 22.62 5.29 -45.05
N PHE B 60 22.92 5.51 -43.78
CA PHE B 60 24.28 5.84 -43.37
C PHE B 60 25.11 4.62 -42.96
N GLY B 61 24.51 3.44 -43.06
CA GLY B 61 25.20 2.20 -42.78
C GLY B 61 25.40 1.87 -41.30
N PHE B 62 24.53 2.38 -40.43
CA PHE B 62 24.66 2.12 -39.00
C PHE B 62 23.92 0.84 -38.64
N GLU B 63 24.40 0.12 -37.65
CA GLU B 63 23.78 -1.13 -37.21
C GLU B 63 22.98 -0.92 -35.96
N GLU B 64 21.80 -1.50 -35.90
CA GLU B 64 20.97 -1.40 -34.72
C GLU B 64 21.47 -2.27 -33.55
N TYR B 65 21.32 -1.74 -32.34
CA TYR B 65 21.59 -2.50 -31.12
C TYR B 65 20.57 -2.07 -30.07
N ASP B 66 20.56 -2.77 -28.94
CA ASP B 66 19.71 -2.39 -27.81
C ASP B 66 20.34 -2.97 -26.53
N ALA B 67 19.89 -2.44 -25.40
CA ALA B 67 20.37 -2.91 -24.09
C ALA B 67 19.26 -2.65 -23.05
N PRO B 68 19.36 -3.27 -21.88
CA PRO B 68 18.23 -3.13 -20.96
C PRO B 68 18.05 -1.69 -20.51
N VAL B 69 16.79 -1.28 -20.38
CA VAL B 69 16.44 0.03 -19.84
C VAL B 69 16.89 0.16 -18.38
N LEU B 70 17.03 -0.97 -17.71
CA LEU B 70 17.50 -1.01 -16.33
C LEU B 70 19.01 -1.28 -16.35
N GLU B 71 19.79 -0.37 -15.77
CA GLU B 71 21.24 -0.51 -15.67
C GLU B 71 21.67 -0.29 -14.23
N SER B 72 22.89 -0.74 -13.91
CA SER B 72 23.46 -0.48 -12.60
C SER B 72 23.71 1.02 -12.43
N GLU B 73 23.43 1.53 -11.24
CA GLU B 73 23.63 2.94 -10.91
C GLU B 73 25.07 3.39 -11.10
N GLU B 74 26.02 2.50 -10.77
CA GLU B 74 27.45 2.79 -10.87
C GLU B 74 27.85 3.28 -12.26
N LEU B 75 27.08 2.89 -13.26
CA LEU B 75 27.36 3.26 -14.63
C LEU B 75 27.31 4.78 -14.86
N TYR B 76 26.52 5.48 -14.05
CA TYR B 76 26.28 6.92 -14.23
C TYR B 76 26.90 7.84 -13.17
N ILE B 77 27.66 7.28 -12.24
CA ILE B 77 28.28 8.07 -11.17
C ILE B 77 29.56 8.73 -11.70
N ARG B 78 29.41 9.88 -12.35
CA ARG B 78 30.53 10.58 -12.99
C ARG B 78 31.07 11.76 -12.21
N LYS B 79 30.36 12.19 -11.17
CA LYS B 79 30.87 13.18 -10.20
C LYS B 79 31.32 14.54 -10.79
N ALA B 80 30.62 14.99 -11.82
CA ALA B 80 30.90 16.29 -12.44
C ALA B 80 29.71 17.27 -12.33
N GLY B 81 28.74 16.93 -11.48
CA GLY B 81 27.55 17.77 -11.28
C GLY B 81 26.65 17.92 -12.51
N GLU B 82 26.66 16.91 -13.37
CA GLU B 82 25.84 16.94 -14.58
C GLU B 82 24.36 16.87 -14.24
N GLU B 83 23.59 17.71 -14.91
CA GLU B 83 22.14 17.69 -14.82
C GLU B 83 21.59 16.27 -15.05
N ILE B 84 22.16 15.57 -16.02
CA ILE B 84 21.68 14.25 -16.41
C ILE B 84 21.84 13.19 -15.31
N THR B 85 22.89 13.30 -14.50
CA THR B 85 23.11 12.38 -13.39
C THR B 85 22.42 12.85 -12.12
N GLU B 86 22.23 14.16 -11.99
CA GLU B 86 21.44 14.75 -10.90
C GLU B 86 19.98 14.31 -10.93
N GLN B 87 19.43 14.11 -12.12
CA GLN B 87 18.02 13.82 -12.30
C GLN B 87 17.75 12.37 -12.69
N MET B 88 18.52 11.45 -12.12
CA MET B 88 18.38 10.02 -12.41
C MET B 88 17.15 9.42 -11.74
N PHE B 89 16.45 8.58 -12.50
CA PHE B 89 15.33 7.78 -12.00
C PHE B 89 15.96 6.51 -11.46
N ASN B 90 16.39 6.55 -10.20
CA ASN B 90 17.03 5.38 -9.58
C ASN B 90 16.23 4.80 -8.43
N PHE B 91 16.50 3.53 -8.13
CA PHE B 91 15.85 2.85 -7.02
C PHE B 91 16.67 1.64 -6.60
N ILE B 92 16.26 1.01 -5.51
CA ILE B 92 16.98 -0.10 -4.91
C ILE B 92 16.15 -1.37 -5.02
N THR B 93 16.75 -2.43 -5.55
CA THR B 93 16.07 -3.70 -5.74
C THR B 93 15.86 -4.39 -4.39
N LYS B 94 15.02 -5.43 -4.37
CA LYS B 94 14.82 -6.24 -3.15
C LYS B 94 16.14 -6.74 -2.58
N GLY B 95 17.03 -7.21 -3.47
CA GLY B 95 18.35 -7.70 -3.07
C GLY B 95 19.37 -6.62 -2.71
N GLY B 96 18.96 -5.36 -2.78
CA GLY B 96 19.77 -4.25 -2.27
C GLY B 96 20.74 -3.68 -3.28
N HIS B 97 20.46 -3.89 -4.57
CA HIS B 97 21.35 -3.40 -5.62
C HIS B 97 20.88 -2.06 -6.16
N ARG B 98 21.84 -1.14 -6.29
CA ARG B 98 21.58 0.20 -6.76
C ARG B 98 21.41 0.14 -8.28
N VAL B 99 20.20 0.41 -8.77
CA VAL B 99 19.93 0.40 -10.21
C VAL B 99 19.22 1.68 -10.63
N ALA B 100 19.18 1.91 -11.93
CA ALA B 100 18.49 3.06 -12.48
C ALA B 100 17.88 2.74 -13.82
N LEU B 101 16.76 3.39 -14.10
CA LEU B 101 16.28 3.47 -15.46
C LEU B 101 17.21 4.45 -16.15
N ARG B 102 17.72 4.07 -17.30
CA ARG B 102 18.79 4.78 -17.96
C ARG B 102 18.41 6.23 -18.25
N PRO B 103 19.22 7.21 -17.81
CA PRO B 103 19.01 8.60 -18.21
C PRO B 103 19.46 8.91 -19.64
N GLU B 104 20.36 8.08 -20.15
CA GLU B 104 20.93 8.24 -21.49
C GLU B 104 21.46 6.87 -21.92
N MET B 105 21.90 6.76 -23.17
CA MET B 105 22.30 5.46 -23.74
C MET B 105 23.81 5.26 -23.84
N THR B 106 24.57 6.35 -23.83
CA THR B 106 26.00 6.28 -24.14
C THR B 106 26.78 5.36 -23.18
N PRO B 107 26.47 5.40 -21.89
CA PRO B 107 27.12 4.46 -20.96
C PRO B 107 26.81 2.98 -21.24
N SER B 108 25.57 2.68 -21.61
CA SER B 108 25.21 1.31 -21.98
C SER B 108 26.04 0.85 -23.20
N LEU B 109 26.08 1.71 -24.22
CA LEU B 109 26.90 1.45 -25.42
C LEU B 109 28.35 1.16 -25.04
N ALA B 110 28.90 2.03 -24.20
CA ALA B 110 30.27 1.88 -23.75
C ALA B 110 30.47 0.54 -23.04
N ARG B 111 29.49 0.15 -22.21
CA ARG B 111 29.51 -1.14 -21.52
C ARG B 111 29.60 -2.30 -22.51
N LEU B 112 28.74 -2.23 -23.53
CA LEU B 112 28.69 -3.25 -24.57
C LEU B 112 30.02 -3.33 -25.33
N LEU B 113 30.54 -2.17 -25.73
CA LEU B 113 31.79 -2.13 -26.48
C LEU B 113 32.93 -2.71 -25.65
N LEU B 114 32.97 -2.31 -24.39
CA LEU B 114 33.97 -2.79 -23.45
C LEU B 114 33.88 -4.29 -23.24
N GLY B 115 32.65 -4.82 -23.20
CA GLY B 115 32.46 -6.27 -23.04
C GLY B 115 32.91 -7.05 -24.25
N LYS B 116 32.77 -6.49 -25.46
CA LYS B 116 33.27 -7.15 -26.66
C LYS B 116 34.79 -7.09 -26.71
N GLY B 117 35.34 -5.98 -26.25
CA GLY B 117 36.79 -5.79 -26.21
C GLY B 117 37.43 -5.96 -27.58
N ARG B 118 38.39 -6.86 -27.63
CA ARG B 118 39.22 -7.08 -28.82
C ARG B 118 38.46 -7.71 -29.99
N SER B 119 37.38 -8.45 -29.69
CA SER B 119 36.59 -9.11 -30.72
C SER B 119 35.75 -8.18 -31.60
N LEU B 120 35.62 -6.91 -31.24
CA LEU B 120 34.81 -5.99 -32.05
C LEU B 120 35.61 -5.42 -33.21
N LEU B 121 35.10 -5.59 -34.43
CA LEU B 121 35.71 -5.00 -35.62
C LEU B 121 35.46 -3.50 -35.60
N LEU B 122 36.51 -2.74 -35.81
CA LEU B 122 36.45 -1.30 -35.85
C LEU B 122 36.87 -0.88 -37.25
N PRO B 123 36.25 0.15 -37.82
CA PRO B 123 35.25 0.98 -37.14
C PRO B 123 33.88 0.32 -36.98
N ALA B 124 33.13 0.77 -35.98
CA ALA B 124 31.76 0.34 -35.78
C ALA B 124 30.83 1.56 -35.75
N LYS B 125 29.68 1.40 -36.38
CA LYS B 125 28.67 2.44 -36.41
C LYS B 125 27.37 1.86 -35.89
N TRP B 126 27.01 2.23 -34.66
CA TRP B 126 25.89 1.58 -33.97
C TRP B 126 24.81 2.61 -33.66
N TYR B 127 23.55 2.24 -33.85
CA TYR B 127 22.46 3.12 -33.47
C TYR B 127 21.40 2.38 -32.70
N SER B 128 20.59 3.16 -31.98
CA SER B 128 19.44 2.62 -31.27
CA SER B 128 19.47 2.64 -31.21
C SER B 128 18.44 3.74 -31.03
N ILE B 129 17.22 3.38 -30.61
CA ILE B 129 16.19 4.36 -30.30
C ILE B 129 15.58 4.05 -28.92
N PRO B 130 16.38 4.17 -27.86
CA PRO B 130 15.94 3.89 -26.49
C PRO B 130 15.02 4.93 -25.86
N GLN B 131 14.09 4.46 -25.06
CA GLN B 131 13.42 5.27 -24.11
C GLN B 131 14.40 5.54 -22.98
N CYS B 132 14.53 6.80 -22.60
CA CYS B 132 15.38 7.18 -21.48
C CYS B 132 14.53 7.96 -20.46
N TRP B 133 14.99 7.95 -19.22
CA TRP B 133 14.21 8.35 -18.08
C TRP B 133 14.91 9.38 -17.18
N ARG B 134 14.10 10.09 -16.40
CA ARG B 134 14.56 11.05 -15.41
C ARG B 134 13.49 11.24 -14.33
N TYR B 135 13.91 11.76 -13.18
CA TYR B 135 13.02 12.11 -12.08
C TYR B 135 13.31 13.55 -11.68
N GLU B 136 12.25 14.34 -11.50
CA GLU B 136 12.40 15.74 -11.01
C GLU B 136 11.44 16.01 -9.85
N ARG B 142 6.40 18.16 -15.47
CA ARG B 142 7.36 17.89 -16.54
C ARG B 142 7.43 16.40 -16.90
N ARG B 143 7.95 16.12 -18.09
CA ARG B 143 8.05 14.76 -18.60
C ARG B 143 9.17 14.01 -17.91
N ARG B 144 8.94 12.73 -17.63
CA ARG B 144 9.95 11.89 -17.02
C ARG B 144 10.51 10.87 -17.99
N GLU B 145 10.15 11.01 -19.26
CA GLU B 145 10.39 9.95 -20.18
C GLU B 145 10.39 10.50 -21.61
N HIS B 146 11.38 10.07 -22.40
CA HIS B 146 11.43 10.37 -23.82
C HIS B 146 12.18 9.27 -24.57
N TYR B 147 11.96 9.19 -25.88
CA TYR B 147 12.74 8.35 -26.76
C TYR B 147 13.85 9.21 -27.36
N GLN B 148 15.01 8.59 -27.53
CA GLN B 148 16.17 9.29 -28.04
C GLN B 148 16.90 8.43 -29.04
N TRP B 149 16.94 8.91 -30.28
CA TRP B 149 17.73 8.29 -31.32
C TRP B 149 19.18 8.54 -30.98
N ASN B 150 19.93 7.46 -30.85
CA ASN B 150 21.36 7.54 -30.63
C ASN B 150 22.08 7.03 -31.84
N MET B 151 23.13 7.76 -32.24
CA MET B 151 23.99 7.32 -33.32
C MET B 151 25.42 7.54 -32.85
N ASP B 152 26.24 6.49 -32.91
CA ASP B 152 27.63 6.60 -32.49
C ASP B 152 28.57 5.89 -33.44
N ILE B 153 29.73 6.50 -33.65
CA ILE B 153 30.81 5.91 -34.43
C ILE B 153 32.01 5.62 -33.51
N VAL B 154 32.50 4.39 -33.58
CA VAL B 154 33.51 3.89 -32.67
C VAL B 154 34.73 3.49 -33.46
N GLY B 155 35.90 3.95 -33.01
CA GLY B 155 37.19 3.54 -33.62
C GLY B 155 37.70 4.40 -34.77
N VAL B 156 37.15 5.61 -34.92
CA VAL B 156 37.59 6.58 -35.90
C VAL B 156 38.14 7.81 -35.16
N LYS B 157 39.43 8.05 -35.32
CA LYS B 157 40.12 9.19 -34.71
C LYS B 157 39.81 10.52 -35.37
N SER B 158 39.51 10.50 -36.66
CA SER B 158 39.43 11.73 -37.43
C SER B 158 38.01 12.32 -37.47
N VAL B 159 37.93 13.61 -37.80
CA VAL B 159 36.68 14.36 -37.76
C VAL B 159 35.65 13.90 -38.79
N SER B 160 36.07 13.04 -39.71
CA SER B 160 35.15 12.39 -40.61
C SER B 160 33.97 11.74 -39.88
N ALA B 161 34.20 11.29 -38.65
CA ALA B 161 33.14 10.73 -37.82
C ALA B 161 32.11 11.79 -37.46
N GLU B 162 32.57 12.91 -36.94
CA GLU B 162 31.67 14.00 -36.55
C GLU B 162 30.93 14.52 -37.78
N VAL B 163 31.66 14.63 -38.90
CA VAL B 163 31.05 15.00 -40.17
C VAL B 163 29.88 14.07 -40.51
N GLU B 164 30.12 12.77 -40.50
CA GLU B 164 29.05 11.84 -40.82
C GLU B 164 27.87 11.93 -39.85
N LEU B 165 28.17 12.06 -38.56
CA LEU B 165 27.13 12.17 -37.53
C LEU B 165 26.26 13.39 -37.74
N VAL B 166 26.91 14.54 -37.94
CA VAL B 166 26.19 15.77 -38.19
C VAL B 166 25.36 15.67 -39.48
N CYS B 167 25.94 15.13 -40.55
CA CYS B 167 25.17 14.94 -41.79
C CYS B 167 23.96 14.04 -41.56
N ALA B 168 24.14 13.01 -40.74
CA ALA B 168 23.02 12.11 -40.40
C ALA B 168 21.86 12.85 -39.74
N ALA B 169 22.17 13.69 -38.75
CA ALA B 169 21.15 14.48 -38.07
C ALA B 169 20.39 15.40 -39.05
N CYS B 170 21.13 16.09 -39.89
CA CYS B 170 20.56 16.95 -40.92
C CYS B 170 19.70 16.14 -41.87
N TRP B 171 20.20 14.98 -42.25
CA TRP B 171 19.51 14.09 -43.21
C TRP B 171 18.15 13.70 -42.67
N ALA B 172 18.11 13.32 -41.39
CA ALA B 172 16.85 12.97 -40.75
C ALA B 172 15.89 14.17 -40.75
N MET B 173 16.39 15.35 -40.40
CA MET B 173 15.51 16.52 -40.35
C MET B 173 14.99 16.86 -41.73
N ARG B 174 15.86 16.79 -42.75
CA ARG B 174 15.42 17.08 -44.11
C ARG B 174 14.39 16.05 -44.57
N SER B 175 14.58 14.80 -44.13
CA SER B 175 13.67 13.72 -44.50
C SER B 175 12.26 13.97 -43.96
N LEU B 176 12.17 14.65 -42.80
CA LEU B 176 10.91 15.03 -42.19
C LEU B 176 10.26 16.29 -42.78
N GLY B 177 10.94 16.93 -43.74
CA GLY B 177 10.41 18.08 -44.44
C GLY B 177 11.03 19.41 -44.04
N LEU B 178 11.94 19.40 -43.08
CA LEU B 178 12.64 20.63 -42.67
C LEU B 178 13.70 21.03 -43.70
N SER B 179 13.96 22.33 -43.78
CA SER B 179 15.03 22.87 -44.63
C SER B 179 16.11 23.55 -43.81
N SER B 180 17.18 23.97 -44.46
CA SER B 180 18.25 24.71 -43.79
C SER B 180 17.79 26.11 -43.37
N LYS B 181 16.70 26.59 -43.96
CA LYS B 181 16.01 27.79 -43.44
C LYS B 181 15.37 27.54 -42.07
N ASP B 182 14.90 26.31 -41.85
CA ASP B 182 14.19 25.98 -40.63
C ASP B 182 15.10 25.68 -39.46
N VAL B 183 16.19 24.97 -39.74
CA VAL B 183 17.08 24.48 -38.69
C VAL B 183 18.56 24.59 -39.09
N GLY B 184 19.42 24.38 -38.11
CA GLY B 184 20.84 24.20 -38.34
C GLY B 184 21.52 23.43 -37.22
N ILE B 185 22.83 23.19 -37.37
CA ILE B 185 23.64 22.57 -36.35
C ILE B 185 24.78 23.52 -35.99
N LYS B 186 24.85 23.92 -34.72
CA LYS B 186 25.94 24.73 -34.19
C LYS B 186 27.06 23.81 -33.79
N VAL B 187 28.29 24.16 -34.17
CA VAL B 187 29.44 23.29 -33.96
C VAL B 187 30.60 24.05 -33.30
N ASN B 188 31.31 23.37 -32.39
CA ASN B 188 32.44 23.93 -31.67
C ASN B 188 33.39 22.79 -31.31
N SER B 189 34.58 23.11 -30.80
CA SER B 189 35.44 22.12 -30.16
C SER B 189 35.77 22.55 -28.74
N ARG B 190 35.64 21.61 -27.81
CA ARG B 190 36.04 21.80 -26.43
C ARG B 190 37.56 21.97 -26.24
N LYS B 191 38.35 21.64 -27.26
CA LYS B 191 39.80 21.77 -27.16
C LYS B 191 40.27 23.22 -27.01
N VAL B 192 39.50 24.15 -27.56
CA VAL B 192 39.86 25.57 -27.42
C VAL B 192 39.81 25.93 -25.95
N LEU B 193 38.67 25.64 -25.33
CA LEU B 193 38.49 25.88 -23.90
C LEU B 193 39.48 25.08 -23.04
N GLN B 194 39.78 23.84 -23.45
CA GLN B 194 40.78 23.02 -22.76
C GLN B 194 42.12 23.76 -22.65
N THR B 195 42.59 24.28 -23.78
CA THR B 195 43.85 25.03 -23.82
C THR B 195 43.83 26.23 -22.85
N VAL B 196 42.73 26.97 -22.87
CA VAL B 196 42.61 28.16 -22.03
C VAL B 196 42.72 27.80 -20.54
N VAL B 197 42.05 26.71 -20.16
CA VAL B 197 42.07 26.21 -18.79
C VAL B 197 43.46 25.68 -18.41
N GLU B 198 44.08 24.90 -19.30
CA GLU B 198 45.43 24.39 -19.06
C GLU B 198 46.45 25.52 -18.90
N GLN B 199 46.37 26.54 -19.76
CA GLN B 199 47.29 27.69 -19.69
C GLN B 199 47.16 28.51 -18.39
N ALA B 200 46.03 28.36 -17.71
CA ALA B 200 45.83 29.02 -16.42
C ALA B 200 46.28 28.17 -15.22
N GLY B 201 46.81 26.97 -15.48
CA GLY B 201 47.33 26.10 -14.42
C GLY B 201 46.29 25.21 -13.75
N VAL B 202 45.08 25.16 -14.31
CA VAL B 202 43.96 24.43 -13.73
C VAL B 202 44.11 22.93 -14.01
N THR B 203 44.22 22.15 -12.95
CA THR B 203 44.36 20.70 -13.06
C THR B 203 43.27 20.14 -13.97
N SER B 204 43.67 19.23 -14.85
CA SER B 204 42.80 18.74 -15.92
C SER B 204 41.51 18.06 -15.44
N ASP B 205 41.51 17.56 -14.21
CA ASP B 205 40.30 16.96 -13.62
C ASP B 205 39.19 17.98 -13.32
N LYS B 206 39.47 19.27 -13.47
CA LYS B 206 38.45 20.32 -13.35
C LYS B 206 37.81 20.66 -14.71
N PHE B 207 38.36 20.16 -15.81
CA PHE B 207 37.91 20.55 -17.15
C PHE B 207 36.46 20.15 -17.41
N ALA B 208 36.10 18.94 -17.00
CA ALA B 208 34.73 18.45 -17.16
C ALA B 208 33.73 19.27 -16.37
N PRO B 209 33.96 19.47 -15.06
CA PRO B 209 33.12 20.41 -14.30
C PRO B 209 33.01 21.79 -14.96
N VAL B 210 34.13 22.35 -15.41
CA VAL B 210 34.14 23.65 -16.10
C VAL B 210 33.19 23.66 -17.30
N CYS B 211 33.22 22.60 -18.09
CA CYS B 211 32.30 22.48 -19.23
C CYS B 211 30.84 22.37 -18.80
N VAL B 212 30.57 21.58 -17.76
CA VAL B 212 29.21 21.43 -17.22
C VAL B 212 28.67 22.80 -16.77
N ILE B 213 29.54 23.59 -16.15
CA ILE B 213 29.16 24.91 -15.65
C ILE B 213 28.92 25.91 -16.78
N VAL B 214 29.87 25.99 -17.71
CA VAL B 214 29.81 26.95 -18.82
C VAL B 214 28.63 26.67 -19.76
N ASP B 215 28.23 25.40 -19.82
CA ASP B 215 27.00 25.00 -20.49
C ASP B 215 25.76 25.72 -19.92
N LYS B 216 25.80 26.13 -18.65
CA LYS B 216 24.65 26.77 -18.02
C LYS B 216 24.48 28.26 -18.34
N MET B 217 25.13 28.77 -19.39
CA MET B 217 25.07 30.21 -19.71
C MET B 217 23.66 30.65 -20.16
N GLU B 218 22.76 29.69 -20.34
CA GLU B 218 21.32 29.94 -20.50
C GLU B 218 20.77 30.86 -19.41
N GLU B 223 25.08 36.44 -15.40
CA GLU B 223 26.01 35.32 -15.24
C GLU B 223 26.06 34.83 -13.79
N GLU B 224 25.12 33.95 -13.44
CA GLU B 224 25.22 33.09 -12.25
C GLU B 224 26.35 32.05 -12.43
N VAL B 225 26.78 31.85 -13.68
CA VAL B 225 27.88 30.94 -14.02
C VAL B 225 29.24 31.36 -13.45
N GLU B 226 29.51 32.67 -13.44
CA GLU B 226 30.78 33.19 -12.94
C GLU B 226 31.08 32.75 -11.50
N ALA B 227 30.03 32.68 -10.67
CA ALA B 227 30.17 32.26 -9.27
C ALA B 227 30.52 30.78 -9.12
N GLN B 228 29.87 29.92 -9.89
CA GLN B 228 30.13 28.47 -9.84
C GLN B 228 31.57 28.08 -10.19
N LEU B 229 32.17 28.79 -11.15
CA LEU B 229 33.56 28.57 -11.53
C LEU B 229 34.51 28.93 -10.37
N ALA B 230 34.22 30.04 -9.71
CA ALA B 230 34.95 30.43 -8.50
C ALA B 230 34.87 29.32 -7.46
N VAL B 231 33.65 28.81 -7.25
CA VAL B 231 33.41 27.69 -6.32
C VAL B 231 34.23 26.46 -6.72
N LEU B 232 34.29 26.17 -8.02
CA LEU B 232 35.09 25.06 -8.53
C LEU B 232 36.59 25.30 -8.25
N GLY B 233 36.98 26.57 -8.14
CA GLY B 233 38.31 26.96 -7.65
C GLY B 233 39.16 27.67 -8.69
N LEU B 234 38.56 28.66 -9.36
CA LEU B 234 39.22 29.36 -10.45
C LEU B 234 39.19 30.88 -10.22
N GLU B 235 40.33 31.54 -10.43
CA GLU B 235 40.47 32.98 -10.20
C GLU B 235 39.71 33.78 -11.27
N PRO B 236 39.39 35.06 -10.99
CA PRO B 236 38.67 35.91 -11.95
C PRO B 236 39.33 36.08 -13.34
N THR B 237 40.66 36.11 -13.39
CA THR B 237 41.38 36.23 -14.66
C THR B 237 41.16 35.00 -15.55
N VAL B 238 41.04 33.83 -14.92
CA VAL B 238 40.76 32.58 -15.62
C VAL B 238 39.32 32.56 -16.13
N VAL B 239 38.39 33.05 -15.32
CA VAL B 239 36.98 33.17 -15.69
C VAL B 239 36.80 34.16 -16.85
N ASP B 240 37.49 35.28 -16.78
CA ASP B 240 37.53 36.25 -17.87
C ASP B 240 37.92 35.65 -19.21
N ALA B 241 38.97 34.85 -19.22
CA ALA B 241 39.49 34.26 -20.44
C ALA B 241 38.50 33.26 -21.01
N ILE B 242 37.88 32.46 -20.13
CA ILE B 242 36.80 31.55 -20.53
C ILE B 242 35.68 32.33 -21.23
N THR B 243 35.17 33.35 -20.54
CA THR B 243 34.11 34.22 -21.05
C THR B 243 34.44 34.79 -22.45
N THR B 244 35.67 35.28 -22.60
CA THR B 244 36.11 35.87 -23.87
C THR B 244 36.09 34.86 -25.02
N THR B 245 36.56 33.65 -24.76
CA THR B 245 36.66 32.64 -25.84
C THR B 245 35.28 32.11 -26.27
N LEU B 246 34.33 32.05 -25.34
CA LEU B 246 32.95 31.66 -25.66
C LEU B 246 32.22 32.68 -26.54
N SER B 247 32.71 33.92 -26.55
CA SER B 247 32.11 35.00 -27.33
C SER B 247 32.82 35.28 -28.65
N LEU B 248 33.85 34.50 -28.97
CA LEU B 248 34.54 34.66 -30.26
C LEU B 248 33.61 34.16 -31.37
N LYS B 249 33.47 34.94 -32.43
CA LYS B 249 32.38 34.70 -33.40
C LYS B 249 32.78 33.97 -34.67
N SER B 250 34.07 33.69 -34.84
CA SER B 250 34.53 32.92 -36.01
C SER B 250 35.73 32.05 -35.68
N ILE B 251 36.00 31.08 -36.54
CA ILE B 251 37.20 30.24 -36.42
C ILE B 251 38.49 31.07 -36.61
N ASP B 252 38.45 32.05 -37.50
CA ASP B 252 39.59 32.95 -37.64
C ASP B 252 39.95 33.64 -36.33
N GLU B 253 38.94 34.09 -35.59
CA GLU B 253 39.18 34.72 -34.28
C GLU B 253 39.76 33.72 -33.29
N ILE B 254 39.33 32.46 -33.39
CA ILE B 254 39.97 31.39 -32.62
C ILE B 254 41.46 31.24 -33.03
N ALA B 255 41.72 31.23 -34.33
CA ALA B 255 43.10 31.10 -34.83
C ALA B 255 43.99 32.22 -34.33
N GLN B 256 43.47 33.45 -34.33
CA GLN B 256 44.19 34.61 -33.81
C GLN B 256 44.64 34.41 -32.37
N ARG B 257 43.78 33.82 -31.55
CA ARG B 257 44.05 33.68 -30.12
C ARG B 257 44.95 32.47 -29.80
N VAL B 258 44.64 31.29 -30.36
CA VAL B 258 45.37 30.05 -30.02
C VAL B 258 46.29 29.52 -31.12
N GLY B 259 46.30 30.19 -32.27
CA GLY B 259 47.09 29.75 -33.40
C GLY B 259 46.31 28.88 -34.37
N GLU B 260 46.67 29.01 -35.65
CA GLU B 260 46.06 28.25 -36.74
C GLU B 260 46.41 26.74 -36.67
N GLU B 261 47.53 26.41 -36.01
CA GLU B 261 48.02 25.04 -35.84
C GLU B 261 47.36 24.29 -34.71
N HIS B 262 46.61 25.02 -33.89
CA HIS B 262 45.86 24.41 -32.80
C HIS B 262 44.91 23.33 -33.33
N GLU B 263 44.87 22.19 -32.63
CA GLU B 263 44.07 21.05 -33.07
C GLU B 263 42.63 21.45 -33.37
N ALA B 264 42.02 22.20 -32.46
CA ALA B 264 40.65 22.66 -32.63
C ALA B 264 40.44 23.39 -33.96
N VAL B 265 41.40 24.24 -34.36
CA VAL B 265 41.25 24.98 -35.60
C VAL B 265 41.33 24.04 -36.78
N LYS B 266 42.36 23.22 -36.83
CA LYS B 266 42.52 22.29 -37.94
C LYS B 266 41.32 21.35 -38.07
N GLU B 267 40.86 20.84 -36.93
CA GLU B 267 39.75 19.90 -36.94
C GLU B 267 38.44 20.54 -37.39
N LEU B 268 38.14 21.73 -36.86
CA LEU B 268 36.95 22.46 -37.28
C LEU B 268 37.00 22.81 -38.78
N ARG B 269 38.17 23.21 -39.27
CA ARG B 269 38.32 23.55 -40.69
C ARG B 269 38.06 22.32 -41.58
N GLN B 270 38.69 21.20 -41.24
CA GLN B 270 38.42 19.93 -41.92
C GLN B 270 36.94 19.58 -41.88
N PHE B 271 36.34 19.69 -40.69
CA PHE B 271 34.92 19.41 -40.48
C PHE B 271 34.03 20.19 -41.45
N PHE B 272 34.23 21.52 -41.53
CA PHE B 272 33.39 22.32 -42.42
C PHE B 272 33.66 22.04 -43.89
N GLU B 273 34.93 21.83 -44.25
CA GLU B 273 35.28 21.48 -45.63
C GLU B 273 34.51 20.22 -46.05
N GLN B 274 34.49 19.21 -45.18
CA GLN B 274 33.83 17.94 -45.50
C GLN B 274 32.31 18.04 -45.61
N VAL B 275 31.69 18.74 -44.67
CA VAL B 275 30.23 18.93 -44.74
C VAL B 275 29.87 19.71 -46.00
N GLU B 276 30.66 20.75 -46.30
CA GLU B 276 30.47 21.50 -47.53
C GLU B 276 30.50 20.55 -48.73
N ALA B 277 31.52 19.69 -48.76
CA ALA B 277 31.69 18.72 -49.84
C ALA B 277 30.50 17.75 -49.98
N TYR B 278 29.94 17.36 -48.85
CA TYR B 278 28.77 16.46 -48.82
C TYR B 278 27.48 17.16 -49.25
N GLY B 279 27.49 18.50 -49.26
CA GLY B 279 26.39 19.30 -49.78
C GLY B 279 25.45 19.85 -48.72
N TYR B 280 25.85 19.82 -47.45
CA TYR B 280 25.04 20.32 -46.34
C TYR B 280 25.67 21.55 -45.67
N GLY B 281 26.48 22.30 -46.42
CA GLY B 281 27.11 23.52 -45.90
C GLY B 281 26.15 24.54 -45.31
N ASP B 282 24.97 24.68 -45.91
CA ASP B 282 23.96 25.62 -45.41
C ASP B 282 23.37 25.22 -44.06
N TRP B 283 23.53 23.96 -43.64
CA TRP B 283 22.97 23.45 -42.40
C TRP B 283 23.84 23.65 -41.17
N VAL B 284 25.12 23.95 -41.36
CA VAL B 284 26.07 23.95 -40.25
C VAL B 284 26.75 25.30 -40.09
N LEU B 285 27.17 25.59 -38.86
CA LEU B 285 27.87 26.83 -38.54
C LEU B 285 28.68 26.70 -37.26
N PHE B 286 29.65 27.61 -37.10
CA PHE B 286 30.50 27.65 -35.93
C PHE B 286 29.86 28.48 -34.85
N ASP B 287 29.88 27.98 -33.62
CA ASP B 287 29.41 28.75 -32.46
C ASP B 287 30.26 28.41 -31.24
N ALA B 288 31.07 29.36 -30.79
CA ALA B 288 32.04 29.16 -29.73
C ALA B 288 31.43 28.98 -28.32
N SER B 289 30.13 29.22 -28.17
CA SER B 289 29.46 29.04 -26.90
C SER B 289 28.86 27.64 -26.71
N VAL B 290 28.92 26.79 -27.73
CA VAL B 290 28.43 25.40 -27.61
C VAL B 290 29.47 24.49 -26.97
N VAL B 291 29.13 23.98 -25.79
CA VAL B 291 29.98 23.00 -25.09
C VAL B 291 29.28 21.68 -24.73
N ARG B 292 27.94 21.71 -24.64
CA ARG B 292 27.13 20.61 -24.10
C ARG B 292 27.34 20.39 -22.60
N GLY B 293 26.37 19.73 -21.97
CA GLY B 293 26.37 19.54 -20.52
C GLY B 293 26.97 18.24 -20.00
N LEU B 294 27.45 17.39 -20.88
CA LEU B 294 27.96 16.08 -20.48
C LEU B 294 29.44 16.12 -20.17
N ALA B 295 29.83 15.34 -19.18
CA ALA B 295 31.21 15.37 -18.69
C ALA B 295 32.20 14.90 -19.74
N TYR B 296 31.77 13.97 -20.59
CA TYR B 296 32.72 13.15 -21.34
C TYR B 296 33.17 13.65 -22.71
N TYR B 297 32.57 14.73 -23.23
CA TYR B 297 33.00 15.24 -24.56
C TYR B 297 34.41 15.80 -24.45
N THR B 298 35.30 15.34 -25.33
CA THR B 298 36.70 15.78 -25.36
C THR B 298 37.02 16.67 -26.56
N GLY B 299 36.24 16.61 -27.63
CA GLY B 299 36.62 17.26 -28.87
C GLY B 299 35.51 18.09 -29.43
N ILE B 300 35.21 17.89 -30.71
CA ILE B 300 34.09 18.57 -31.34
C ILE B 300 32.78 18.27 -30.58
N VAL B 301 31.96 19.32 -30.39
CA VAL B 301 30.62 19.18 -29.89
C VAL B 301 29.65 19.95 -30.79
N PHE B 302 28.38 19.54 -30.77
CA PHE B 302 27.40 20.16 -31.63
C PHE B 302 25.99 20.00 -31.12
N GLU B 303 25.11 20.88 -31.58
CA GLU B 303 23.70 20.77 -31.27
C GLU B 303 22.81 21.38 -32.35
N GLY B 304 21.68 20.74 -32.58
CA GLY B 304 20.73 21.19 -33.59
C GLY B 304 19.81 22.20 -32.94
N PHE B 305 19.35 23.16 -33.72
CA PHE B 305 18.50 24.22 -33.19
C PHE B 305 17.57 24.70 -34.27
N ASP B 306 16.40 25.19 -33.87
CA ASP B 306 15.52 25.87 -34.81
C ASP B 306 15.97 27.33 -34.94
N ARG B 307 15.99 27.79 -36.19
CA ARG B 307 16.46 29.13 -36.52
C ARG B 307 15.51 30.27 -36.12
N GLU B 308 14.34 29.94 -35.60
CA GLU B 308 13.44 30.94 -35.03
C GLU B 308 13.70 31.17 -33.54
N GLY B 309 14.57 30.38 -32.92
CA GLY B 309 14.87 30.51 -31.50
C GLY B 309 13.68 30.22 -30.58
N LYS B 310 12.81 29.32 -31.00
CA LYS B 310 11.61 28.98 -30.23
C LYS B 310 11.75 27.78 -29.33
N PHE B 311 12.65 26.85 -29.67
CA PHE B 311 12.71 25.57 -28.98
C PHE B 311 14.08 25.28 -28.41
N ARG B 312 14.10 24.36 -27.46
CA ARG B 312 15.34 23.80 -26.93
C ARG B 312 16.05 23.01 -28.03
N ALA B 313 17.21 22.44 -27.72
CA ALA B 313 18.01 21.75 -28.72
C ALA B 313 17.27 20.55 -29.32
N LEU B 314 17.38 20.39 -30.64
CA LEU B 314 16.75 19.28 -31.35
C LEU B 314 17.57 18.00 -31.22
N CYS B 315 18.88 18.17 -31.04
CA CYS B 315 19.80 17.05 -30.91
C CYS B 315 21.11 17.59 -30.41
N GLY B 316 21.96 16.71 -29.92
CA GLY B 316 23.21 17.13 -29.27
C GLY B 316 24.19 15.99 -29.25
N GLY B 317 25.47 16.32 -29.40
CA GLY B 317 26.49 15.27 -29.43
C GLY B 317 27.90 15.77 -29.44
N GLY B 318 28.83 14.86 -29.68
CA GLY B 318 30.24 15.20 -29.67
C GLY B 318 31.17 14.01 -29.65
N ARG B 319 32.45 14.32 -29.66
CA ARG B 319 33.48 13.32 -29.55
C ARG B 319 33.77 13.09 -28.08
N TYR B 320 33.94 11.82 -27.72
CA TYR B 320 34.24 11.44 -26.34
C TYR B 320 35.29 10.34 -26.29
N ASP B 321 36.56 10.75 -26.45
CA ASP B 321 37.69 9.82 -26.67
C ASP B 321 38.25 9.17 -25.42
N ASN B 322 37.93 9.68 -24.24
CA ASN B 322 38.42 9.11 -23.01
C ASN B 322 37.43 8.23 -22.23
N LEU B 323 36.15 8.23 -22.62
CA LEU B 323 35.12 7.52 -21.85
C LEU B 323 35.47 6.06 -21.61
N LEU B 324 35.83 5.36 -22.68
CA LEU B 324 36.16 3.94 -22.55
C LEU B 324 37.38 3.74 -21.65
N THR B 325 38.35 4.66 -21.73
CA THR B 325 39.49 4.61 -20.82
C THR B 325 39.03 4.73 -19.35
N THR B 326 38.10 5.63 -19.06
CA THR B 326 37.62 5.78 -17.67
C THR B 326 36.83 4.55 -17.21
N TYR B 327 36.23 3.81 -18.14
CA TYR B 327 35.55 2.55 -17.81
C TYR B 327 36.50 1.37 -17.60
N GLY B 328 37.79 1.58 -17.83
CA GLY B 328 38.80 0.53 -17.61
C GLY B 328 39.34 -0.13 -18.86
N SER B 329 38.97 0.37 -20.05
CA SER B 329 39.57 -0.14 -21.28
C SER B 329 41.09 -0.03 -21.23
N PRO B 330 41.81 -1.12 -21.57
CA PRO B 330 43.27 -1.06 -21.54
C PRO B 330 43.88 -0.20 -22.66
N THR B 331 43.13 0.00 -23.75
CA THR B 331 43.57 0.91 -24.81
C THR B 331 42.51 1.99 -25.04
N PRO B 332 42.95 3.24 -25.30
CA PRO B 332 41.95 4.26 -25.62
C PRO B 332 41.13 3.88 -26.85
N ILE B 333 39.86 4.27 -26.85
CA ILE B 333 38.99 3.97 -27.98
C ILE B 333 38.22 5.22 -28.39
N PRO B 334 38.53 5.74 -29.59
CA PRO B 334 37.87 6.94 -30.05
C PRO B 334 36.41 6.68 -30.31
N CYS B 335 35.56 7.64 -29.95
CA CYS B 335 34.12 7.55 -30.14
C CYS B 335 33.59 8.95 -30.39
N ALA B 336 32.48 9.02 -31.11
CA ALA B 336 31.71 10.24 -31.25
C ALA B 336 30.28 9.83 -31.55
N GLY B 337 29.32 10.67 -31.17
CA GLY B 337 27.94 10.37 -31.43
C GLY B 337 26.99 11.48 -31.02
N PHE B 338 25.70 11.24 -31.20
CA PHE B 338 24.68 12.18 -30.77
C PHE B 338 23.39 11.50 -30.31
N GLY B 339 22.60 12.28 -29.57
CA GLY B 339 21.25 11.93 -29.15
C GLY B 339 20.32 12.91 -29.80
N PHE B 340 19.14 12.44 -30.16
CA PHE B 340 18.15 13.21 -30.90
C PHE B 340 16.81 12.78 -30.33
N GLY B 341 16.22 13.65 -29.50
CA GLY B 341 15.01 13.33 -28.76
C GLY B 341 13.76 13.34 -29.61
N ASP B 342 12.68 12.78 -29.08
CA ASP B 342 11.44 12.65 -29.83
C ASP B 342 10.40 13.72 -29.48
N CYS B 343 10.75 14.69 -28.63
CA CYS B 343 9.77 15.67 -28.21
CA CYS B 343 9.77 15.70 -28.18
C CYS B 343 9.96 17.03 -28.90
N VAL B 344 11.16 17.57 -28.87
CA VAL B 344 11.38 18.90 -29.46
C VAL B 344 11.11 18.88 -30.97
N ILE B 345 11.64 17.86 -31.65
CA ILE B 345 11.40 17.69 -33.09
C ILE B 345 9.91 17.70 -33.45
N VAL B 346 9.09 17.07 -32.63
CA VAL B 346 7.67 16.97 -32.92
C VAL B 346 7.00 18.33 -32.74
N GLU B 347 7.38 19.07 -31.69
CA GLU B 347 6.89 20.46 -31.51
C GLU B 347 7.23 21.32 -32.73
N LEU B 348 8.48 21.26 -33.15
CA LEU B 348 8.94 22.02 -34.31
C LEU B 348 8.15 21.67 -35.54
N LEU B 349 8.02 20.37 -35.81
CA LEU B 349 7.28 19.89 -36.98
C LEU B 349 5.81 20.32 -36.93
N GLN B 350 5.20 20.31 -35.75
CA GLN B 350 3.83 20.81 -35.56
C GLN B 350 3.75 22.29 -35.93
N GLU B 351 4.69 23.10 -35.43
CA GLU B 351 4.72 24.53 -35.78
C GLU B 351 4.81 24.76 -37.29
N LYS B 352 5.68 24.00 -37.95
CA LYS B 352 5.93 24.14 -39.40
C LYS B 352 4.87 23.44 -40.25
N ARG B 353 3.85 22.86 -39.61
CA ARG B 353 2.77 22.15 -40.31
C ARG B 353 3.28 20.99 -41.15
N LEU B 354 4.26 20.28 -40.60
CA LEU B 354 4.84 19.12 -41.25
C LEU B 354 4.40 17.79 -40.61
N LEU B 355 3.43 17.84 -39.70
CA LEU B 355 2.88 16.64 -39.09
C LEU B 355 1.39 16.53 -39.36
N PRO B 356 1.00 16.41 -40.63
CA PRO B 356 -0.42 16.19 -40.88
C PRO B 356 -0.85 14.86 -40.27
N ASP B 357 -2.10 14.78 -39.83
CA ASP B 357 -2.67 13.52 -39.37
C ASP B 357 -2.46 12.48 -40.48
N ILE B 358 -1.83 11.37 -40.12
CA ILE B 358 -1.72 10.21 -41.01
C ILE B 358 -2.86 9.27 -40.64
N PRO B 359 -3.85 9.11 -41.51
CA PRO B 359 -4.94 8.19 -41.14
C PRO B 359 -4.56 6.73 -41.34
N HIS B 360 -5.15 5.83 -40.55
CA HIS B 360 -4.97 4.42 -40.77
C HIS B 360 -5.36 4.02 -42.19
N VAL B 361 -4.64 3.06 -42.77
CA VAL B 361 -4.98 2.52 -44.09
C VAL B 361 -4.87 0.99 -44.09
N VAL B 362 -5.68 0.36 -44.93
CA VAL B 362 -5.63 -1.08 -45.15
C VAL B 362 -6.03 -1.25 -46.61
N ASP B 363 -5.50 -2.25 -47.31
CA ASP B 363 -5.80 -2.38 -48.74
C ASP B 363 -7.26 -2.80 -48.99
N ASP B 364 -7.68 -3.90 -48.36
CA ASP B 364 -9.02 -4.47 -48.60
C ASP B 364 -9.81 -4.71 -47.34
N VAL B 365 -11.11 -4.52 -47.43
CA VAL B 365 -12.02 -4.98 -46.41
C VAL B 365 -13.00 -5.96 -47.06
N VAL B 366 -12.97 -7.20 -46.57
CA VAL B 366 -13.80 -8.26 -47.06
C VAL B 366 -15.10 -8.31 -46.28
N ILE B 367 -16.20 -8.26 -47.01
CA ILE B 367 -17.53 -8.14 -46.40
C ILE B 367 -18.39 -9.34 -46.78
N PRO B 368 -18.69 -10.21 -45.80
CA PRO B 368 -19.64 -11.27 -46.09
C PRO B 368 -21.01 -10.67 -46.32
N PHE B 369 -21.68 -11.06 -47.39
CA PHE B 369 -23.06 -10.60 -47.61
C PHE B 369 -23.90 -10.86 -46.36
N ASP B 370 -23.79 -12.07 -45.83
CA ASP B 370 -24.41 -12.45 -44.56
C ASP B 370 -23.54 -13.54 -43.93
N GLU B 371 -23.99 -14.13 -42.81
CA GLU B 371 -23.18 -15.12 -42.09
C GLU B 371 -22.97 -16.43 -42.85
N SER B 372 -23.90 -16.79 -43.71
CA SER B 372 -23.74 -17.98 -44.53
C SER B 372 -22.59 -17.82 -45.53
N MET B 373 -22.19 -16.58 -45.79
CA MET B 373 -21.03 -16.32 -46.67
C MET B 373 -19.69 -16.16 -45.92
N ARG B 374 -19.66 -16.34 -44.60
CA ARG B 374 -18.42 -16.13 -43.87
C ARG B 374 -17.30 -17.09 -44.27
N PRO B 375 -17.61 -18.39 -44.44
CA PRO B 375 -16.55 -19.32 -44.86
C PRO B 375 -15.92 -18.98 -46.21
N HIS B 376 -16.75 -18.62 -47.18
CA HIS B 376 -16.23 -18.24 -48.47
C HIS B 376 -15.43 -16.96 -48.35
N ALA B 377 -15.92 -16.04 -47.53
CA ALA B 377 -15.26 -14.76 -47.34
C ALA B 377 -13.87 -14.94 -46.73
N LEU B 378 -13.77 -15.91 -45.82
CA LEU B 378 -12.52 -16.25 -45.17
C LEU B 378 -11.52 -16.79 -46.18
N ALA B 379 -11.98 -17.60 -47.12
CA ALA B 379 -11.11 -18.09 -48.18
C ALA B 379 -10.61 -16.94 -49.07
N VAL B 380 -11.49 -15.99 -49.35
CA VAL B 380 -11.11 -14.82 -50.13
C VAL B 380 -10.03 -14.03 -49.35
N LEU B 381 -10.29 -13.83 -48.06
CA LEU B 381 -9.40 -13.09 -47.17
C LEU B 381 -8.01 -13.70 -47.14
N ARG B 382 -7.97 -15.01 -46.97
CA ARG B 382 -6.72 -15.78 -47.09
C ARG B 382 -5.95 -15.46 -48.37
N ARG B 383 -6.63 -15.50 -49.50
CA ARG B 383 -5.97 -15.26 -50.78
C ARG B 383 -5.39 -13.84 -50.87
N LEU B 384 -6.16 -12.86 -50.40
CA LEU B 384 -5.71 -11.49 -50.43
C LEU B 384 -4.44 -11.33 -49.60
N ARG B 385 -4.45 -11.89 -48.39
CA ARG B 385 -3.30 -11.79 -47.50
C ARG B 385 -2.09 -12.55 -48.05
N ASP B 386 -2.33 -13.72 -48.67
CA ASP B 386 -1.23 -14.50 -49.26
C ASP B 386 -0.48 -13.72 -50.33
N ALA B 387 -1.19 -12.80 -51.00
CA ALA B 387 -0.62 -12.01 -52.08
C ALA B 387 0.09 -10.75 -51.58
N GLY B 388 0.14 -10.54 -50.26
CA GLY B 388 0.87 -9.44 -49.67
C GLY B 388 0.01 -8.20 -49.43
N ARG B 389 -1.29 -8.37 -49.44
CA ARG B 389 -2.18 -7.26 -49.18
C ARG B 389 -2.58 -7.22 -47.70
N SER B 390 -2.80 -6.01 -47.18
CA SER B 390 -3.36 -5.85 -45.86
C SER B 390 -4.87 -5.91 -46.02
N ALA B 391 -5.53 -6.78 -45.27
CA ALA B 391 -6.95 -6.99 -45.43
C ALA B 391 -7.62 -7.30 -44.12
N ASP B 392 -8.80 -6.71 -43.93
CA ASP B 392 -9.72 -7.05 -42.85
C ASP B 392 -10.84 -7.90 -43.39
N ILE B 393 -11.47 -8.64 -42.48
CA ILE B 393 -12.80 -9.17 -42.71
C ILE B 393 -13.69 -8.59 -41.63
N ILE B 394 -14.92 -8.24 -42.00
CA ILE B 394 -15.88 -7.77 -41.02
C ILE B 394 -16.11 -8.93 -40.07
N LEU B 395 -15.83 -8.71 -38.79
CA LEU B 395 -15.81 -9.78 -37.80
C LEU B 395 -17.16 -9.94 -37.14
N ASP B 396 -17.82 -8.83 -36.84
CA ASP B 396 -19.15 -8.85 -36.22
C ASP B 396 -20.25 -9.03 -37.27
N LYS B 397 -21.44 -9.34 -36.79
CA LYS B 397 -22.61 -9.49 -37.65
C LYS B 397 -23.13 -8.10 -37.97
N LYS B 398 -23.11 -7.72 -39.24
CA LYS B 398 -23.73 -6.45 -39.64
C LYS B 398 -24.16 -6.40 -41.11
N LYS B 399 -25.02 -5.44 -41.41
CA LYS B 399 -25.53 -5.27 -42.76
C LYS B 399 -24.48 -4.60 -43.65
N VAL B 400 -24.66 -4.76 -44.96
CA VAL B 400 -23.63 -4.42 -45.94
C VAL B 400 -23.24 -2.95 -45.90
N VAL B 401 -24.23 -2.08 -45.88
CA VAL B 401 -24.00 -0.64 -45.84
C VAL B 401 -23.21 -0.21 -44.60
N GLN B 402 -23.50 -0.79 -43.44
CA GLN B 402 -22.72 -0.52 -42.23
C GLN B 402 -21.30 -1.07 -42.37
N ALA B 403 -21.16 -2.24 -43.00
CA ALA B 403 -19.84 -2.80 -43.27
C ALA B 403 -19.04 -1.87 -44.18
N PHE B 404 -19.70 -1.34 -45.20
CA PHE B 404 -19.07 -0.40 -46.09
C PHE B 404 -18.61 0.85 -45.37
N ASN B 405 -19.46 1.39 -44.49
CA ASN B 405 -19.10 2.56 -43.71
C ASN B 405 -17.85 2.29 -42.87
N TYR B 406 -17.83 1.10 -42.26
CA TYR B 406 -16.71 0.70 -41.43
C TYR B 406 -15.44 0.65 -42.26
N ALA B 407 -15.54 0.08 -43.45
CA ALA B 407 -14.42 0.05 -44.38
C ALA B 407 -13.89 1.46 -44.63
N ASP B 408 -14.80 2.41 -44.86
CA ASP B 408 -14.41 3.79 -45.10
C ASP B 408 -13.67 4.35 -43.88
N ARG B 409 -14.24 4.10 -42.70
CA ARG B 409 -13.66 4.58 -41.43
C ARG B 409 -12.23 4.07 -41.18
N VAL B 410 -11.91 2.83 -41.55
CA VAL B 410 -10.56 2.31 -41.37
C VAL B 410 -9.62 2.59 -42.56
N GLY B 411 -10.07 3.35 -43.54
CA GLY B 411 -9.21 3.79 -44.63
C GLY B 411 -8.93 2.71 -45.65
N ALA B 412 -9.87 1.79 -45.82
CA ALA B 412 -9.78 0.77 -46.86
C ALA B 412 -9.68 1.40 -48.23
N VAL B 413 -8.74 0.92 -49.03
CA VAL B 413 -8.65 1.33 -50.42
C VAL B 413 -9.76 0.64 -51.21
N ARG B 414 -10.17 -0.54 -50.78
CA ARG B 414 -11.06 -1.35 -51.58
C ARG B 414 -11.97 -2.23 -50.72
N ALA B 415 -13.26 -2.27 -51.07
CA ALA B 415 -14.21 -3.17 -50.41
C ALA B 415 -14.53 -4.37 -51.32
N VAL B 416 -14.51 -5.55 -50.74
CA VAL B 416 -14.72 -6.79 -51.47
C VAL B 416 -15.92 -7.49 -50.87
N LEU B 417 -17.06 -7.38 -51.56
CA LEU B 417 -18.31 -7.95 -51.11
C LEU B 417 -18.41 -9.41 -51.60
N VAL B 418 -18.55 -10.33 -50.65
CA VAL B 418 -18.67 -11.75 -50.95
C VAL B 418 -20.14 -12.15 -50.82
N ALA B 419 -20.83 -12.15 -51.96
CA ALA B 419 -22.28 -12.37 -52.05
C ALA B 419 -22.62 -13.67 -52.78
N PRO B 420 -23.72 -14.34 -52.38
CA PRO B 420 -24.04 -15.69 -52.88
C PRO B 420 -24.21 -15.77 -54.39
N GLU B 421 -24.79 -14.74 -55.01
CA GLU B 421 -24.99 -14.77 -56.48
C GLU B 421 -23.65 -14.77 -57.23
N GLU B 422 -22.74 -13.89 -56.84
CA GLU B 422 -21.44 -13.80 -57.51
C GLU B 422 -20.54 -15.01 -57.19
N TRP B 423 -20.65 -15.54 -55.98
CA TRP B 423 -19.84 -16.69 -55.59
C TRP B 423 -20.10 -17.93 -56.45
N GLU B 424 -21.36 -18.13 -56.86
CA GLU B 424 -21.70 -19.22 -57.79
C GLU B 424 -21.00 -19.07 -59.15
N ARG B 425 -20.77 -17.82 -59.55
CA ARG B 425 -20.07 -17.51 -60.80
C ARG B 425 -18.54 -17.47 -60.67
N GLY B 426 -18.03 -17.85 -59.50
CA GLY B 426 -16.60 -17.75 -59.22
C GLY B 426 -16.13 -16.30 -59.09
N GLU B 427 -16.97 -15.45 -58.48
CA GLU B 427 -16.70 -14.01 -58.41
C GLU B 427 -17.07 -13.37 -57.07
N VAL B 428 -16.60 -12.13 -56.91
CA VAL B 428 -16.99 -11.23 -55.83
C VAL B 428 -17.30 -9.87 -56.44
N GLN B 429 -17.92 -8.97 -55.66
CA GLN B 429 -18.09 -7.58 -56.08
C GLN B 429 -17.03 -6.75 -55.40
N VAL B 430 -16.38 -5.90 -56.19
CA VAL B 430 -15.32 -5.03 -55.72
C VAL B 430 -15.79 -3.59 -55.86
N LYS B 431 -15.51 -2.78 -54.85
CA LYS B 431 -15.82 -1.36 -54.90
C LYS B 431 -14.62 -0.56 -54.39
N MET B 432 -14.16 0.40 -55.20
CA MET B 432 -13.01 1.23 -54.84
C MET B 432 -13.50 2.40 -53.98
N LEU B 433 -12.77 2.69 -52.90
CA LEU B 433 -13.15 3.76 -51.98
C LEU B 433 -12.39 5.07 -52.20
N ARG B 434 -11.29 5.01 -52.96
CA ARG B 434 -10.40 6.16 -53.20
C ARG B 434 -10.26 6.44 -54.71
N ARG B 446 -18.82 2.70 -59.81
CA ARG B 446 -19.12 2.15 -58.49
C ARG B 446 -19.74 0.75 -58.60
N GLY B 447 -19.02 -0.26 -58.13
CA GLY B 447 -19.51 -1.65 -58.08
C GLY B 447 -19.21 -2.47 -59.32
N PHE B 448 -18.21 -3.35 -59.25
CA PHE B 448 -17.87 -4.25 -60.37
C PHE B 448 -17.70 -5.68 -59.88
N ALA B 449 -18.05 -6.66 -60.71
CA ALA B 449 -17.82 -8.08 -60.39
C ALA B 449 -16.45 -8.51 -60.90
N VAL B 450 -15.75 -9.34 -60.11
CA VAL B 450 -14.36 -9.72 -60.43
C VAL B 450 -14.12 -11.21 -60.15
N PRO B 451 -13.47 -11.92 -61.09
CA PRO B 451 -13.11 -13.31 -60.79
C PRO B 451 -12.17 -13.47 -59.60
N LEU B 452 -12.33 -14.54 -58.84
CA LEU B 452 -11.55 -14.77 -57.63
C LEU B 452 -10.03 -14.72 -57.88
N ASP B 453 -9.58 -15.32 -58.97
CA ASP B 453 -8.15 -15.31 -59.29
C ASP B 453 -7.61 -13.94 -59.69
N ARG B 454 -8.49 -13.03 -60.11
CA ARG B 454 -8.08 -11.71 -60.59
C ARG B 454 -8.08 -10.62 -59.52
N LEU B 455 -8.35 -10.98 -58.26
CA LEU B 455 -8.34 -9.99 -57.16
C LEU B 455 -6.95 -9.43 -56.85
N VAL B 456 -5.91 -10.15 -57.24
CA VAL B 456 -4.55 -9.79 -56.93
C VAL B 456 -3.66 -9.95 -58.16
#